data_7ERE
#
_entry.id   7ERE
#
_cell.length_a   83.982
_cell.length_b   117.381
_cell.length_c   81.970
_cell.angle_alpha   90.000
_cell.angle_beta   90.000
_cell.angle_gamma   90.000
#
_symmetry.space_group_name_H-M   'P 21 21 21'
#
loop_
_entity.id
_entity.type
_entity.pdbx_description
1 polymer 'Flavin reductase (NADPH)'
2 non-polymer 'NADP NICOTINAMIDE-ADENINE-DINUCLEOTIDE PHOSPHATE'
3 non-polymer '4-[(3-carboxy-2-oxidanyl-naphthalen-1-yl)methyl]-3-oxidanyl-naphthalene-2-carboxylic acid'
4 non-polymer 'SULFATE ION'
5 water water
#
_entity_poly.entity_id   1
_entity_poly.type   'polypeptide(L)'
_entity_poly.pdbx_seq_one_letter_code
;HMAVKKIAIFGATGQTGLTTLAQAVQAGYEVTVLVRDSSRLPSEGPRPAHVVVGDVLQAADVDKTVAGQDAVIVLLGTRN
DLSPTTVMSEGARNIVAAMKAHGVDKVVACTSAFLLWDPTKVPPRLQAVTDDHIRMHKVLRESGLKYVAVMPPHIGDQPL
TGAYTVTLDGRGPSRVISKHDLGHFMLRCLTTDEYDGHSTYPSHQYQ
;
_entity_poly.pdbx_strand_id   A,B,C,D
#
# COMPACT_ATOMS: atom_id res chain seq x y z
N HIS A 1 -28.92 28.09 -7.72
CA HIS A 1 -30.01 27.75 -6.81
C HIS A 1 -29.54 26.76 -5.74
N MET A 2 -28.31 26.27 -5.89
CA MET A 2 -27.81 25.17 -5.07
C MET A 2 -26.60 25.67 -4.27
N ALA A 3 -26.77 25.73 -2.95
CA ALA A 3 -25.65 25.98 -2.06
C ALA A 3 -24.54 24.97 -2.31
N VAL A 4 -24.90 23.70 -2.48
CA VAL A 4 -23.96 22.65 -2.83
C VAL A 4 -24.20 22.29 -4.29
N LYS A 5 -23.18 22.54 -5.17
CA LYS A 5 -23.48 22.19 -6.54
C LYS A 5 -22.31 21.41 -7.12
N LYS A 6 -21.08 21.76 -6.76
CA LYS A 6 -19.92 20.96 -7.17
C LYS A 6 -19.63 19.92 -6.09
N ILE A 7 -19.70 18.65 -6.43
CA ILE A 7 -19.42 17.59 -5.46
C ILE A 7 -18.42 16.60 -6.04
N ALA A 8 -17.59 16.05 -5.17
CA ALA A 8 -16.79 14.88 -5.48
C ALA A 8 -17.52 13.64 -5.01
N ILE A 9 -17.55 12.61 -5.83
CA ILE A 9 -18.05 11.30 -5.42
C ILE A 9 -16.88 10.31 -5.48
N PHE A 10 -16.59 9.69 -4.34
CA PHE A 10 -15.67 8.56 -4.28
C PHE A 10 -16.49 7.26 -4.31
N GLY A 11 -16.04 6.31 -5.14
CA GLY A 11 -16.80 5.08 -5.33
C GLY A 11 -17.96 5.19 -6.29
N ALA A 12 -17.90 6.10 -7.26
CA ALA A 12 -19.01 6.29 -8.18
C ALA A 12 -19.25 5.09 -9.09
N THR A 13 -18.22 4.25 -9.33
CA THR A 13 -18.42 3.09 -10.19
C THR A 13 -19.06 1.91 -9.47
N GLY A 14 -19.27 2.01 -8.15
CA GLY A 14 -19.79 0.90 -7.37
C GLY A 14 -21.31 0.82 -7.43
N GLN A 15 -21.84 -0.15 -6.70
CA GLN A 15 -23.27 -0.46 -6.73
C GLN A 15 -24.12 0.78 -6.40
N THR A 16 -23.82 1.43 -5.28
CA THR A 16 -24.56 2.62 -4.88
C THR A 16 -24.04 3.84 -5.60
N GLY A 17 -22.71 3.86 -5.86
CA GLY A 17 -22.15 4.99 -6.58
C GLY A 17 -22.82 5.25 -7.92
N LEU A 18 -23.13 4.20 -8.69
CA LEU A 18 -23.59 4.41 -10.05
C LEU A 18 -24.93 5.13 -10.06
N THR A 19 -25.83 4.72 -9.17
CA THR A 19 -27.15 5.37 -9.14
C THR A 19 -27.08 6.72 -8.43
N THR A 20 -26.16 6.88 -7.48
CA THR A 20 -25.94 8.21 -6.90
C THR A 20 -25.45 9.18 -7.95
N LEU A 21 -24.48 8.75 -8.76
CA LEU A 21 -24.02 9.57 -9.87
C LEU A 21 -25.16 9.93 -10.80
N ALA A 22 -25.95 8.93 -11.23
CA ALA A 22 -27.04 9.19 -12.18
C ALA A 22 -28.02 10.21 -11.61
N GLN A 23 -28.40 10.02 -10.35
CA GLN A 23 -29.32 10.94 -9.70
C GLN A 23 -28.73 12.33 -9.55
N ALA A 24 -27.43 12.41 -9.21
CA ALA A 24 -26.82 13.71 -9.02
C ALA A 24 -26.77 14.49 -10.32
N VAL A 25 -26.43 13.82 -11.42
CA VAL A 25 -26.38 14.50 -12.71
C VAL A 25 -27.77 14.98 -13.10
N GLN A 26 -28.79 14.15 -12.86
CA GLN A 26 -30.15 14.55 -13.20
CA GLN A 26 -30.16 14.54 -13.20
C GLN A 26 -30.62 15.74 -12.36
N ALA A 27 -30.20 15.79 -11.11
CA ALA A 27 -30.55 16.88 -10.20
C ALA A 27 -29.76 18.16 -10.46
N GLY A 28 -28.81 18.15 -11.41
CA GLY A 28 -28.10 19.36 -11.74
C GLY A 28 -26.76 19.56 -11.07
N TYR A 29 -26.27 18.55 -10.34
CA TYR A 29 -24.95 18.65 -9.72
C TYR A 29 -23.84 18.63 -10.78
N GLU A 30 -22.76 19.35 -10.50
CA GLU A 30 -21.53 19.30 -11.29
C GLU A 30 -20.62 18.31 -10.56
N VAL A 31 -20.52 17.07 -11.08
CA VAL A 31 -19.92 15.97 -10.33
C VAL A 31 -18.51 15.71 -10.83
N THR A 32 -17.57 15.60 -9.91
CA THR A 32 -16.22 15.10 -10.16
C THR A 32 -16.14 13.70 -9.56
N VAL A 33 -15.60 12.75 -10.32
CA VAL A 33 -15.41 11.39 -9.80
C VAL A 33 -13.93 11.04 -9.82
N LEU A 34 -13.52 10.20 -8.86
CA LEU A 34 -12.22 9.53 -8.87
C LEU A 34 -12.46 8.07 -9.22
N VAL A 35 -11.86 7.61 -10.32
CA VAL A 35 -12.02 6.23 -10.79
C VAL A 35 -10.66 5.60 -10.97
N ARG A 36 -10.56 4.31 -10.65
CA ARG A 36 -9.31 3.59 -10.88
C ARG A 36 -9.13 3.27 -12.36
N ASP A 37 -7.88 3.26 -12.81
CA ASP A 37 -7.60 3.25 -14.26
C ASP A 37 -8.30 2.11 -14.97
N SER A 38 -8.35 0.92 -14.35
CA SER A 38 -8.91 -0.23 -15.03
C SER A 38 -10.43 -0.31 -14.93
N SER A 39 -11.07 0.58 -14.16
CA SER A 39 -12.53 0.51 -13.99
C SER A 39 -13.09 1.94 -14.14
N ARG A 40 -13.28 2.35 -15.38
CA ARG A 40 -13.93 3.61 -15.68
C ARG A 40 -15.45 3.45 -15.62
N LEU A 41 -16.15 4.58 -15.65
CA LEU A 41 -17.60 4.55 -15.72
C LEU A 41 -18.07 3.89 -17.00
N PRO A 42 -19.22 3.19 -16.95
CA PRO A 42 -19.70 2.48 -18.14
C PRO A 42 -20.10 3.44 -19.24
N SER A 43 -19.92 2.96 -20.47
CA SER A 43 -20.22 3.77 -21.66
C SER A 43 -21.67 4.21 -21.68
N GLU A 44 -22.56 3.35 -21.19
CA GLU A 44 -23.99 3.61 -21.26
C GLU A 44 -24.40 4.78 -20.37
N GLY A 45 -23.83 4.85 -19.16
CA GLY A 45 -24.43 5.61 -18.10
C GLY A 45 -24.23 7.11 -18.23
N PRO A 46 -24.76 7.83 -17.25
CA PRO A 46 -24.57 9.28 -17.21
C PRO A 46 -23.10 9.66 -17.12
N ARG A 47 -22.81 10.87 -17.61
CA ARG A 47 -21.45 11.37 -17.65
C ARG A 47 -21.25 12.44 -16.60
N PRO A 48 -20.23 12.32 -15.76
CA PRO A 48 -19.94 13.37 -14.79
C PRO A 48 -19.28 14.56 -15.49
N ALA A 49 -19.20 15.67 -14.75
CA ALA A 49 -18.56 16.87 -15.28
C ALA A 49 -17.04 16.70 -15.38
N HIS A 50 -16.43 15.97 -14.45
CA HIS A 50 -14.98 15.84 -14.41
C HIS A 50 -14.60 14.45 -13.91
N VAL A 51 -13.57 13.88 -14.54
CA VAL A 51 -13.08 12.55 -14.17
C VAL A 51 -11.60 12.64 -13.82
N VAL A 52 -11.26 12.23 -12.60
CA VAL A 52 -9.88 12.03 -12.19
C VAL A 52 -9.61 10.54 -12.19
N VAL A 53 -8.56 10.11 -12.90
CA VAL A 53 -8.16 8.72 -12.92
C VAL A 53 -7.04 8.54 -11.91
N GLY A 54 -7.25 7.66 -10.93
CA GLY A 54 -6.26 7.42 -9.92
C GLY A 54 -6.80 6.53 -8.82
N ASP A 55 -6.25 6.71 -7.62
CA ASP A 55 -6.50 5.81 -6.52
C ASP A 55 -6.71 6.62 -5.24
N VAL A 56 -7.71 6.23 -4.46
CA VAL A 56 -7.99 6.93 -3.20
C VAL A 56 -6.86 6.74 -2.19
N LEU A 57 -5.97 5.77 -2.44
CA LEU A 57 -4.78 5.56 -1.63
C LEU A 57 -3.66 6.51 -1.99
N GLN A 58 -3.80 7.34 -3.03
CA GLN A 58 -2.81 8.37 -3.38
C GLN A 58 -3.35 9.72 -2.95
N ALA A 59 -2.69 10.35 -1.98
CA ALA A 59 -3.09 11.69 -1.57
C ALA A 59 -3.16 12.65 -2.75
N ALA A 60 -2.24 12.53 -3.70
CA ALA A 60 -2.26 13.45 -4.84
C ALA A 60 -3.54 13.31 -5.64
N ASP A 61 -4.02 12.08 -5.82
CA ASP A 61 -5.22 11.87 -6.61
C ASP A 61 -6.46 12.37 -5.87
N VAL A 62 -6.49 12.15 -4.56
CA VAL A 62 -7.62 12.62 -3.76
C VAL A 62 -7.65 14.14 -3.76
N ASP A 63 -6.48 14.76 -3.62
CA ASP A 63 -6.41 16.21 -3.66
C ASP A 63 -6.99 16.76 -4.96
N LYS A 64 -6.64 16.14 -6.10
CA LYS A 64 -7.13 16.62 -7.40
C LYS A 64 -8.63 16.49 -7.49
N THR A 65 -9.20 15.51 -6.79
CA THR A 65 -10.64 15.25 -6.83
C THR A 65 -11.40 16.20 -5.92
N VAL A 66 -10.82 16.53 -4.76
CA VAL A 66 -11.52 17.35 -3.77
C VAL A 66 -11.37 18.85 -4.06
N ALA A 67 -10.31 19.27 -4.78
CA ALA A 67 -10.09 20.70 -5.05
C ALA A 67 -11.31 21.34 -5.67
N GLY A 68 -11.73 22.48 -5.11
CA GLY A 68 -12.78 23.27 -5.70
C GLY A 68 -14.20 22.81 -5.43
N GLN A 69 -14.39 21.72 -4.68
CA GLN A 69 -15.73 21.19 -4.45
C GLN A 69 -16.45 21.92 -3.32
N ASP A 70 -17.79 21.77 -3.32
CA ASP A 70 -18.61 22.20 -2.20
C ASP A 70 -18.80 21.12 -1.14
N ALA A 71 -18.69 19.85 -1.51
CA ALA A 71 -18.98 18.76 -0.61
C ALA A 71 -18.46 17.47 -1.21
N VAL A 72 -18.38 16.44 -0.37
CA VAL A 72 -17.83 15.13 -0.76
C VAL A 72 -18.82 14.06 -0.36
N ILE A 73 -19.10 13.12 -1.28
CA ILE A 73 -19.85 11.90 -0.98
C ILE A 73 -18.88 10.72 -1.06
N VAL A 74 -18.93 9.83 -0.07
CA VAL A 74 -17.99 8.70 0.00
C VAL A 74 -18.80 7.41 -0.01
N LEU A 75 -18.61 6.61 -1.08
CA LEU A 75 -19.24 5.31 -1.28
C LEU A 75 -18.18 4.27 -1.62
N LEU A 76 -17.04 4.39 -0.94
CA LEU A 76 -15.98 3.41 -1.14
C LEU A 76 -16.37 2.07 -0.56
N GLY A 77 -15.74 1.02 -1.08
CA GLY A 77 -16.01 -0.34 -0.64
C GLY A 77 -15.09 -1.27 -1.38
N THR A 78 -15.22 -2.56 -1.09
CA THR A 78 -14.35 -3.58 -1.67
C THR A 78 -15.12 -4.61 -2.46
N ARG A 79 -16.27 -4.21 -3.00
CA ARG A 79 -17.14 -5.09 -3.82
C ARG A 79 -17.40 -6.40 -3.07
N ASN A 80 -17.19 -7.56 -3.67
CA ASN A 80 -17.58 -8.74 -2.90
C ASN A 80 -16.54 -9.17 -1.88
N ASP A 81 -15.41 -8.45 -1.78
CA ASP A 81 -14.23 -8.99 -1.11
C ASP A 81 -14.34 -8.80 0.40
N LEU A 82 -14.29 -9.90 1.14
CA LEU A 82 -14.40 -9.82 2.59
C LEU A 82 -13.05 -9.80 3.28
N SER A 83 -11.95 -9.64 2.55
CA SER A 83 -10.62 -9.75 3.14
C SER A 83 -10.29 -8.55 4.03
N PRO A 84 -9.39 -8.72 5.01
CA PRO A 84 -8.89 -7.57 5.77
C PRO A 84 -8.38 -6.48 4.83
N THR A 85 -8.71 -5.23 5.15
CA THR A 85 -8.42 -4.11 4.28
C THR A 85 -8.33 -2.84 5.10
N THR A 86 -7.60 -1.86 4.55
CA THR A 86 -7.63 -0.50 5.08
C THR A 86 -7.97 0.52 4.01
N VAL A 87 -8.50 0.09 2.87
CA VAL A 87 -8.66 1.03 1.77
C VAL A 87 -9.66 2.13 2.14
N MET A 88 -10.71 1.79 2.90
CA MET A 88 -11.71 2.79 3.22
C MET A 88 -11.17 3.78 4.25
N SER A 89 -10.50 3.29 5.28
CA SER A 89 -10.01 4.18 6.33
C SER A 89 -8.83 5.01 5.84
N GLU A 90 -7.91 4.40 5.08
CA GLU A 90 -6.82 5.19 4.51
C GLU A 90 -7.35 6.19 3.49
N GLY A 91 -8.30 5.78 2.66
CA GLY A 91 -8.94 6.71 1.74
C GLY A 91 -9.58 7.87 2.48
N ALA A 92 -10.31 7.57 3.56
CA ALA A 92 -10.91 8.63 4.37
C ALA A 92 -9.84 9.58 4.94
N ARG A 93 -8.71 9.04 5.41
CA ARG A 93 -7.65 9.92 5.90
C ARG A 93 -7.21 10.89 4.82
N ASN A 94 -7.04 10.40 3.60
CA ASN A 94 -6.64 11.27 2.50
C ASN A 94 -7.73 12.29 2.18
N ILE A 95 -9.00 11.86 2.23
CA ILE A 95 -10.10 12.77 1.94
C ILE A 95 -10.16 13.89 2.98
N VAL A 96 -10.03 13.53 4.26
CA VAL A 96 -10.03 14.54 5.34
C VAL A 96 -8.92 15.56 5.12
N ALA A 97 -7.70 15.09 4.84
CA ALA A 97 -6.59 16.02 4.64
C ALA A 97 -6.86 16.95 3.47
N ALA A 98 -7.39 16.40 2.38
CA ALA A 98 -7.67 17.22 1.20
C ALA A 98 -8.79 18.22 1.46
N MET A 99 -9.83 17.78 2.17
CA MET A 99 -10.92 18.70 2.48
C MET A 99 -10.43 19.87 3.33
N LYS A 100 -9.55 19.60 4.32
CA LYS A 100 -9.06 20.69 5.16
C LYS A 100 -8.18 21.64 4.35
N ALA A 101 -7.38 21.10 3.43
CA ALA A 101 -6.49 21.94 2.63
C ALA A 101 -7.27 22.80 1.67
N HIS A 102 -8.43 22.33 1.22
CA HIS A 102 -9.17 23.00 0.16
C HIS A 102 -10.42 23.69 0.67
N GLY A 103 -10.63 23.73 1.98
CA GLY A 103 -11.74 24.51 2.49
C GLY A 103 -13.08 23.87 2.26
N VAL A 104 -13.14 22.54 2.16
CA VAL A 104 -14.39 21.78 2.00
C VAL A 104 -14.77 21.26 3.38
N ASP A 105 -16.03 21.48 3.78
CA ASP A 105 -16.45 21.14 5.14
CA ASP A 105 -16.45 21.11 5.14
C ASP A 105 -17.36 19.92 5.20
N LYS A 106 -18.21 19.73 4.20
CA LYS A 106 -19.30 18.76 4.26
C LYS A 106 -18.84 17.44 3.66
N VAL A 107 -18.93 16.37 4.44
CA VAL A 107 -18.64 15.01 3.93
C VAL A 107 -19.76 14.08 4.37
N VAL A 108 -20.34 13.38 3.42
CA VAL A 108 -21.40 12.40 3.67
C VAL A 108 -20.80 11.05 3.28
N ALA A 109 -20.61 10.17 4.25
CA ALA A 109 -19.82 8.97 4.01
C ALA A 109 -20.53 7.73 4.52
N CYS A 110 -20.50 6.69 3.69
CA CYS A 110 -21.21 5.45 3.97
C CYS A 110 -20.27 4.46 4.66
N THR A 111 -20.68 3.98 5.84
CA THR A 111 -20.00 2.84 6.44
C THR A 111 -21.02 1.72 6.50
N SER A 112 -21.60 1.43 7.67
CA SER A 112 -22.45 0.27 7.82
C SER A 112 -23.24 0.35 9.10
N ALA A 113 -24.47 -0.17 9.07
CA ALA A 113 -25.26 -0.26 10.29
C ALA A 113 -24.60 -1.16 11.33
N PHE A 114 -23.61 -1.98 10.95
CA PHE A 114 -22.95 -2.78 11.97
C PHE A 114 -22.25 -1.90 13.00
N LEU A 115 -21.98 -0.63 12.67
CA LEU A 115 -21.35 0.23 13.65
C LEU A 115 -22.32 0.65 14.75
N LEU A 116 -23.61 0.36 14.59
CA LEU A 116 -24.60 0.59 15.62
C LEU A 116 -24.92 -0.69 16.39
N TRP A 117 -24.21 -1.76 16.10
CA TRP A 117 -24.46 -3.05 16.72
C TRP A 117 -23.61 -3.21 17.96
N ASP A 118 -24.01 -4.16 18.79
CA ASP A 118 -23.08 -4.75 19.74
C ASP A 118 -21.94 -5.33 18.91
N PRO A 119 -20.72 -4.80 19.03
CA PRO A 119 -19.63 -5.23 18.13
C PRO A 119 -19.35 -6.72 18.16
N THR A 120 -19.69 -7.42 19.24
CA THR A 120 -19.47 -8.84 19.34
C THR A 120 -20.49 -9.67 18.56
N LYS A 121 -21.57 -9.05 18.08
CA LYS A 121 -22.62 -9.78 17.39
C LYS A 121 -22.54 -9.65 15.87
N VAL A 122 -21.58 -8.87 15.36
CA VAL A 122 -21.36 -8.82 13.92
C VAL A 122 -20.93 -10.20 13.42
N PRO A 123 -21.47 -10.71 12.32
CA PRO A 123 -21.03 -12.01 11.79
C PRO A 123 -19.53 -12.04 11.56
N PRO A 124 -18.85 -13.12 11.97
CA PRO A 124 -17.39 -13.16 11.78
C PRO A 124 -16.96 -12.95 10.34
N ARG A 125 -17.74 -13.44 9.36
CA ARG A 125 -17.34 -13.29 7.97
C ARG A 125 -17.27 -11.83 7.57
N LEU A 126 -18.06 -10.98 8.23
CA LEU A 126 -18.10 -9.56 7.91
C LEU A 126 -17.21 -8.73 8.81
N GLN A 127 -16.46 -9.34 9.74
CA GLN A 127 -15.75 -8.57 10.75
CA GLN A 127 -15.77 -8.54 10.74
C GLN A 127 -14.56 -7.80 10.17
N ALA A 128 -13.87 -8.38 9.18
CA ALA A 128 -12.70 -7.68 8.62
C ALA A 128 -13.11 -6.39 7.94
N VAL A 129 -14.16 -6.42 7.12
CA VAL A 129 -14.61 -5.20 6.49
C VAL A 129 -15.18 -4.24 7.54
N THR A 130 -15.95 -4.77 8.49
CA THR A 130 -16.50 -3.91 9.52
C THR A 130 -15.40 -3.20 10.31
N ASP A 131 -14.29 -3.91 10.58
CA ASP A 131 -13.16 -3.28 11.27
C ASP A 131 -12.65 -2.05 10.52
N ASP A 132 -12.62 -2.10 9.19
CA ASP A 132 -12.17 -0.90 8.48
C ASP A 132 -13.24 0.19 8.43
N HIS A 133 -14.52 -0.21 8.39
CA HIS A 133 -15.59 0.78 8.56
C HIS A 133 -15.42 1.50 9.91
N ILE A 134 -15.11 0.75 10.96
CA ILE A 134 -14.89 1.33 12.28
C ILE A 134 -13.74 2.33 12.23
N ARG A 135 -12.63 1.94 11.59
CA ARG A 135 -11.50 2.84 11.45
C ARG A 135 -11.89 4.08 10.65
N MET A 136 -12.66 3.89 9.57
CA MET A 136 -13.04 5.02 8.72
C MET A 136 -13.93 6.00 9.49
N HIS A 137 -14.92 5.48 10.19
CA HIS A 137 -15.81 6.35 10.97
C HIS A 137 -15.02 7.16 11.99
N LYS A 138 -14.04 6.52 12.65
CA LYS A 138 -13.24 7.26 13.62
C LYS A 138 -12.45 8.40 12.96
N VAL A 139 -11.83 8.13 11.80
CA VAL A 139 -11.11 9.18 11.08
C VAL A 139 -12.02 10.36 10.81
N LEU A 140 -13.23 10.10 10.29
CA LEU A 140 -14.15 11.17 9.93
C LEU A 140 -14.71 11.87 11.16
N ARG A 141 -15.02 11.13 12.23
CA ARG A 141 -15.56 11.76 13.43
C ARG A 141 -14.54 12.68 14.06
N GLU A 142 -13.27 12.26 14.06
CA GLU A 142 -12.22 13.03 14.71
C GLU A 142 -11.73 14.21 13.88
N SER A 143 -12.15 14.30 12.62
CA SER A 143 -11.65 15.32 11.72
C SER A 143 -12.17 16.70 12.06
N GLY A 144 -13.31 16.78 12.72
CA GLY A 144 -13.92 18.09 12.96
C GLY A 144 -14.71 18.63 11.80
N LEU A 145 -14.75 17.93 10.67
CA LEU A 145 -15.53 18.36 9.52
C LEU A 145 -17.01 18.12 9.78
N LYS A 146 -17.83 18.72 8.94
CA LYS A 146 -19.28 18.49 9.00
C LYS A 146 -19.57 17.14 8.35
N TYR A 147 -19.70 16.13 9.19
CA TYR A 147 -19.70 14.74 8.75
C TYR A 147 -21.04 14.09 9.03
N VAL A 148 -21.70 13.62 7.99
CA VAL A 148 -22.89 12.78 8.14
C VAL A 148 -22.47 11.33 8.00
N ALA A 149 -22.63 10.55 9.07
CA ALA A 149 -22.25 9.14 9.08
C ALA A 149 -23.43 8.30 8.62
N VAL A 150 -23.40 7.83 7.38
CA VAL A 150 -24.50 7.05 6.83
C VAL A 150 -24.18 5.58 7.06
N MET A 151 -25.07 4.90 7.79
CA MET A 151 -24.82 3.55 8.30
C MET A 151 -25.97 2.65 7.89
N PRO A 152 -25.99 2.19 6.65
CA PRO A 152 -27.17 1.48 6.15
C PRO A 152 -27.16 0.01 6.50
N PRO A 153 -28.32 -0.62 6.46
CA PRO A 153 -28.41 -2.08 6.54
C PRO A 153 -28.19 -2.65 5.15
N HIS A 154 -28.80 -3.80 4.81
CA HIS A 154 -28.54 -4.42 3.51
C HIS A 154 -28.86 -3.47 2.36
N ILE A 155 -27.96 -3.38 1.38
CA ILE A 155 -28.22 -2.58 0.19
C ILE A 155 -28.86 -3.45 -0.88
N GLY A 156 -30.10 -3.15 -1.25
CA GLY A 156 -30.87 -3.97 -2.15
C GLY A 156 -31.04 -3.35 -3.52
N ASP A 157 -31.82 -4.06 -4.36
CA ASP A 157 -32.05 -3.66 -5.74
C ASP A 157 -33.45 -3.09 -5.98
N GLN A 158 -34.18 -2.78 -4.91
CA GLN A 158 -35.54 -2.25 -4.99
C GLN A 158 -35.54 -0.83 -5.55
N PRO A 159 -36.71 -0.23 -5.82
CA PRO A 159 -36.73 1.05 -6.54
C PRO A 159 -36.26 2.23 -5.73
N LEU A 160 -36.04 3.32 -6.45
CA LEU A 160 -36.03 4.65 -5.86
C LEU A 160 -37.44 4.99 -5.40
N THR A 161 -37.60 5.32 -4.12
CA THR A 161 -38.90 5.77 -3.61
C THR A 161 -38.88 7.15 -2.98
N GLY A 162 -37.75 7.55 -2.39
CA GLY A 162 -37.73 8.79 -1.62
C GLY A 162 -38.62 8.76 -0.38
N ALA A 163 -39.12 7.57 -0.02
CA ALA A 163 -40.09 7.42 1.05
C ALA A 163 -39.55 6.64 2.25
N TYR A 164 -38.25 6.38 2.26
CA TYR A 164 -37.59 5.62 3.32
C TYR A 164 -37.58 6.39 4.65
N THR A 165 -37.37 5.62 5.71
CA THR A 165 -37.19 6.14 7.05
C THR A 165 -35.72 6.47 7.27
N VAL A 166 -35.45 7.58 7.98
CA VAL A 166 -34.08 7.91 8.40
C VAL A 166 -34.07 7.90 9.91
N THR A 167 -33.36 6.96 10.49
CA THR A 167 -33.30 6.81 11.95
C THR A 167 -32.00 7.44 12.44
N LEU A 168 -32.12 8.36 13.41
CA LEU A 168 -30.94 9.06 13.91
C LEU A 168 -30.35 8.33 15.11
N ASP A 169 -29.05 8.06 15.04
CA ASP A 169 -28.26 7.57 16.17
C ASP A 169 -28.82 6.27 16.75
N GLY A 170 -29.25 5.36 15.87
CA GLY A 170 -29.73 4.06 16.31
C GLY A 170 -30.17 3.26 15.11
N ARG A 171 -30.46 1.99 15.36
CA ARG A 171 -30.93 1.11 14.29
C ARG A 171 -32.39 1.42 13.95
N GLY A 172 -32.72 1.28 12.66
CA GLY A 172 -34.06 1.57 12.17
C GLY A 172 -34.95 0.35 12.12
N PRO A 173 -36.22 0.56 11.73
CA PRO A 173 -37.22 -0.51 11.84
C PRO A 173 -37.22 -1.52 10.70
N SER A 174 -36.51 -1.28 9.60
CA SER A 174 -36.36 -2.25 8.52
C SER A 174 -34.89 -2.58 8.33
N ARG A 175 -34.65 -3.68 7.62
CA ARG A 175 -33.30 -4.22 7.45
C ARG A 175 -32.77 -4.09 6.03
N VAL A 176 -33.43 -3.32 5.17
CA VAL A 176 -32.94 -3.07 3.83
C VAL A 176 -33.15 -1.59 3.46
N ILE A 177 -32.27 -1.11 2.58
CA ILE A 177 -32.44 0.15 1.86
C ILE A 177 -32.04 -0.13 0.43
N SER A 178 -32.84 0.33 -0.53
CA SER A 178 -32.41 0.12 -1.91
C SER A 178 -31.19 0.98 -2.23
N LYS A 179 -30.35 0.48 -3.14
CA LYS A 179 -29.20 1.29 -3.56
C LYS A 179 -29.65 2.65 -4.08
N HIS A 180 -30.80 2.68 -4.76
CA HIS A 180 -31.28 3.94 -5.30
C HIS A 180 -31.70 4.88 -4.16
N ASP A 181 -32.41 4.35 -3.17
CA ASP A 181 -32.82 5.20 -2.05
C ASP A 181 -31.60 5.62 -1.22
N LEU A 182 -30.62 4.73 -1.07
CA LEU A 182 -29.39 5.13 -0.35
C LEU A 182 -28.69 6.27 -1.06
N GLY A 183 -28.59 6.23 -2.39
CA GLY A 183 -27.99 7.35 -3.11
C GLY A 183 -28.82 8.62 -3.01
N HIS A 184 -30.15 8.47 -3.07
CA HIS A 184 -31.04 9.60 -2.87
C HIS A 184 -30.78 10.24 -1.51
N PHE A 185 -30.60 9.42 -0.49
CA PHE A 185 -30.34 9.97 0.85
C PHE A 185 -28.98 10.65 0.92
N MET A 186 -27.96 10.06 0.30
CA MET A 186 -26.63 10.72 0.32
C MET A 186 -26.74 12.11 -0.25
N LEU A 187 -27.52 12.28 -1.33
CA LEU A 187 -27.68 13.60 -1.93
C LEU A 187 -28.55 14.51 -1.07
N ARG A 188 -29.60 13.97 -0.46
CA ARG A 188 -30.43 14.77 0.45
C ARG A 188 -29.59 15.36 1.57
N CYS A 189 -28.59 14.62 2.05
CA CYS A 189 -27.74 15.12 3.12
C CYS A 189 -26.96 16.38 2.73
N LEU A 190 -26.80 16.64 1.43
CA LEU A 190 -26.15 17.84 0.96
C LEU A 190 -27.02 19.08 1.09
N THR A 191 -28.33 18.91 1.26
CA THR A 191 -29.29 20.01 1.22
C THR A 191 -29.73 20.47 2.61
N THR A 192 -29.13 19.91 3.66
CA THR A 192 -29.54 20.21 5.03
C THR A 192 -28.38 19.99 5.97
N ASP A 193 -28.39 20.71 7.09
CA ASP A 193 -27.39 20.47 8.13
CA ASP A 193 -27.40 20.50 8.14
C ASP A 193 -27.93 19.61 9.26
N GLU A 194 -29.18 19.13 9.14
CA GLU A 194 -29.80 18.47 10.29
C GLU A 194 -29.15 17.15 10.67
N TYR A 195 -28.41 16.50 9.77
CA TYR A 195 -27.78 15.23 10.11
C TYR A 195 -26.30 15.39 10.45
N ASP A 196 -25.77 16.61 10.37
CA ASP A 196 -24.35 16.79 10.64
C ASP A 196 -24.01 16.34 12.05
N GLY A 197 -22.98 15.51 12.18
CA GLY A 197 -22.56 15.04 13.48
C GLY A 197 -23.40 13.91 14.04
N HIS A 198 -24.36 13.40 13.27
CA HIS A 198 -25.16 12.25 13.66
C HIS A 198 -24.79 11.02 12.85
N SER A 199 -25.17 9.85 13.38
CA SER A 199 -25.24 8.65 12.56
C SER A 199 -26.65 8.52 12.03
N THR A 200 -26.77 8.07 10.78
CA THR A 200 -28.08 7.93 10.14
C THR A 200 -28.23 6.53 9.57
N TYR A 201 -29.38 5.91 9.79
CA TYR A 201 -29.65 4.56 9.29
C TYR A 201 -30.88 4.69 8.39
N PRO A 202 -30.70 4.71 7.08
CA PRO A 202 -31.85 4.76 6.17
C PRO A 202 -32.35 3.34 5.94
N SER A 203 -33.67 3.17 5.96
CA SER A 203 -34.23 1.84 5.75
C SER A 203 -35.66 1.99 5.24
N HIS A 204 -36.16 0.93 4.61
CA HIS A 204 -37.50 1.01 4.03
C HIS A 204 -38.10 -0.39 3.88
N GLN A 205 -39.42 -0.41 3.77
CA GLN A 205 -40.21 -1.59 3.46
C GLN A 205 -40.74 -1.38 2.04
N TYR A 206 -40.26 -2.19 1.09
CA TYR A 206 -40.62 -2.02 -0.32
C TYR A 206 -41.86 -2.84 -0.58
N GLN A 207 -42.96 -2.16 -0.90
CA GLN A 207 -44.25 -2.80 -1.09
C GLN A 207 -45.17 -1.92 -1.92
N MET B 2 8.93 -2.63 45.30
CA MET B 2 8.31 -2.71 43.97
C MET B 2 7.46 -1.46 43.71
N ALA B 3 7.31 -0.61 44.73
CA ALA B 3 6.41 0.54 44.66
C ALA B 3 6.94 1.59 43.69
N VAL B 4 6.14 1.94 42.70
CA VAL B 4 6.57 2.74 41.56
C VAL B 4 6.12 4.18 41.77
N LYS B 5 7.08 5.10 41.73
CA LYS B 5 6.80 6.54 41.78
C LYS B 5 7.21 7.26 40.51
N LYS B 6 8.38 6.94 39.95
CA LYS B 6 8.92 7.64 38.80
C LYS B 6 8.81 6.72 37.58
N ILE B 7 8.20 7.23 36.51
CA ILE B 7 8.07 6.45 35.30
C ILE B 7 8.52 7.29 34.12
N ALA B 8 9.08 6.61 33.12
CA ALA B 8 9.26 7.18 31.79
C ALA B 8 8.12 6.71 30.91
N ILE B 9 7.57 7.63 30.11
CA ILE B 9 6.62 7.27 29.06
C ILE B 9 7.26 7.57 27.71
N PHE B 10 7.33 6.55 26.85
CA PHE B 10 7.71 6.74 25.45
C PHE B 10 6.43 6.74 24.60
N GLY B 11 6.34 7.68 23.67
CA GLY B 11 5.11 7.84 22.90
C GLY B 11 4.05 8.68 23.59
N ALA B 12 4.47 9.59 24.48
CA ALA B 12 3.51 10.39 25.26
C ALA B 12 2.66 11.33 24.41
N THR B 13 3.10 11.70 23.21
CA THR B 13 2.36 12.64 22.39
C THR B 13 1.35 11.96 21.49
N GLY B 14 1.28 10.63 21.50
CA GLY B 14 0.32 9.92 20.68
C GLY B 14 -1.04 9.91 21.34
N GLN B 15 -2.02 9.32 20.64
CA GLN B 15 -3.38 9.37 21.16
C GLN B 15 -3.49 8.62 22.49
N THR B 16 -2.87 7.44 22.62
CA THR B 16 -2.90 6.76 23.91
C THR B 16 -1.93 7.41 24.89
N GLY B 17 -0.76 7.81 24.39
CA GLY B 17 0.23 8.46 25.26
C GLY B 17 -0.32 9.68 25.97
N LEU B 18 -1.08 10.53 25.26
CA LEU B 18 -1.52 11.79 25.87
C LEU B 18 -2.44 11.53 27.06
N THR B 19 -3.39 10.59 26.91
CA THR B 19 -4.28 10.32 28.03
C THR B 19 -3.57 9.53 29.13
N THR B 20 -2.64 8.63 28.76
CA THR B 20 -1.84 7.96 29.79
C THR B 20 -1.05 8.98 30.59
N LEU B 21 -0.39 9.90 29.90
CA LEU B 21 0.35 10.97 30.58
C LEU B 21 -0.55 11.75 31.52
N ALA B 22 -1.72 12.20 31.03
CA ALA B 22 -2.63 12.99 31.86
C ALA B 22 -3.03 12.21 33.09
N GLN B 23 -3.47 10.97 32.91
CA GLN B 23 -3.90 10.15 34.04
C GLN B 23 -2.75 9.91 35.02
N ALA B 24 -1.54 9.67 34.48
CA ALA B 24 -0.38 9.45 35.35
C ALA B 24 -0.09 10.67 36.20
N VAL B 25 -0.12 11.86 35.58
CA VAL B 25 0.16 13.08 36.33
C VAL B 25 -0.90 13.32 37.39
N GLN B 26 -2.17 13.13 37.05
CA GLN B 26 -3.23 13.35 38.02
CA GLN B 26 -3.22 13.36 38.03
C GLN B 26 -3.14 12.36 39.18
N ALA B 27 -2.63 11.15 38.92
CA ALA B 27 -2.56 10.15 39.98
C ALA B 27 -1.35 10.34 40.88
N GLY B 28 -0.40 11.18 40.48
CA GLY B 28 0.72 11.52 41.34
C GLY B 28 2.04 10.99 40.85
N TYR B 29 2.08 10.31 39.71
CA TYR B 29 3.36 9.81 39.24
C TYR B 29 4.25 10.98 38.87
N GLU B 30 5.55 10.81 39.09
CA GLU B 30 6.56 11.73 38.58
C GLU B 30 6.99 11.21 37.21
N VAL B 31 6.53 11.87 36.15
CA VAL B 31 6.62 11.35 34.79
C VAL B 31 7.72 12.07 34.02
N THR B 32 8.57 11.28 33.37
CA THR B 32 9.55 11.76 32.39
C THR B 32 9.07 11.31 31.02
N VAL B 33 9.04 12.23 30.06
CA VAL B 33 8.70 11.89 28.68
C VAL B 33 9.86 12.20 27.75
N LEU B 34 10.03 11.36 26.73
CA LEU B 34 10.93 11.62 25.62
C LEU B 34 10.07 12.08 24.45
N VAL B 35 10.25 13.32 24.00
CA VAL B 35 9.48 13.87 22.90
C VAL B 35 10.42 14.47 21.87
N ARG B 36 10.09 14.30 20.59
CA ARG B 36 10.90 14.90 19.55
C ARG B 36 10.62 16.40 19.42
N ASP B 37 9.42 16.85 19.79
CA ASP B 37 9.06 18.26 19.69
C ASP B 37 8.22 18.62 20.90
N SER B 38 8.71 19.57 21.71
CA SER B 38 7.99 19.88 22.94
C SER B 38 6.63 20.51 22.65
N SER B 39 6.47 21.20 21.52
CA SER B 39 5.20 21.85 21.22
C SER B 39 4.05 20.87 21.05
N ARG B 40 4.31 19.58 20.91
CA ARG B 40 3.25 18.59 20.79
C ARG B 40 2.62 18.24 22.14
N LEU B 41 3.27 18.61 23.25
CA LEU B 41 2.64 18.45 24.56
C LEU B 41 1.66 19.59 24.79
N PRO B 42 0.50 19.31 25.39
CA PRO B 42 -0.53 20.35 25.52
C PRO B 42 -0.10 21.50 26.42
N SER B 43 -0.57 22.69 26.06
CA SER B 43 -0.20 23.91 26.77
C SER B 43 -0.79 23.97 28.17
N GLU B 44 -1.93 23.31 28.39
CA GLU B 44 -2.69 23.43 29.62
C GLU B 44 -2.87 22.07 30.27
N GLY B 45 -3.44 22.08 31.47
CA GLY B 45 -3.77 20.87 32.19
C GLY B 45 -2.56 20.17 32.77
N PRO B 46 -2.61 18.84 32.83
CA PRO B 46 -1.51 18.08 33.45
C PRO B 46 -0.26 18.13 32.59
N ARG B 47 0.87 18.50 33.21
CA ARG B 47 2.16 18.56 32.55
C ARG B 47 3.12 17.55 33.20
N PRO B 48 3.99 16.92 32.42
CA PRO B 48 4.96 15.99 32.99
C PRO B 48 5.99 16.71 33.84
N ALA B 49 6.60 15.96 34.76
CA ALA B 49 7.61 16.55 35.64
C ALA B 49 8.90 16.83 34.89
N HIS B 50 9.23 15.98 33.91
CA HIS B 50 10.50 16.09 33.19
C HIS B 50 10.26 15.80 31.72
N VAL B 51 10.83 16.65 30.86
CA VAL B 51 10.74 16.53 29.41
C VAL B 51 12.14 16.40 28.86
N VAL B 52 12.44 15.25 28.23
CA VAL B 52 13.67 15.07 27.49
C VAL B 52 13.33 15.24 26.02
N VAL B 53 14.06 16.12 25.33
CA VAL B 53 13.84 16.35 23.91
C VAL B 53 14.82 15.50 23.11
N GLY B 54 14.29 14.58 22.31
CA GLY B 54 15.16 13.66 21.60
C GLY B 54 14.36 12.57 20.92
N ASP B 55 15.05 11.50 20.56
CA ASP B 55 14.55 10.49 19.63
C ASP B 55 14.79 9.12 20.23
N VAL B 56 13.79 8.24 20.14
CA VAL B 56 13.98 6.90 20.68
C VAL B 56 15.06 6.13 19.91
N LEU B 57 15.41 6.59 18.70
CA LEU B 57 16.49 5.99 17.92
C LEU B 57 17.87 6.44 18.38
N GLN B 58 17.95 7.40 19.28
CA GLN B 58 19.20 7.95 19.79
C GLN B 58 19.44 7.36 21.17
N ALA B 59 20.44 6.46 21.29
CA ALA B 59 20.62 5.73 22.54
C ALA B 59 20.89 6.65 23.71
N ALA B 60 21.60 7.76 23.47
CA ALA B 60 21.86 8.71 24.55
C ALA B 60 20.58 9.33 25.04
N ASP B 61 19.66 9.64 24.12
CA ASP B 61 18.38 10.23 24.52
C ASP B 61 17.57 9.26 25.35
N VAL B 62 17.52 7.99 24.94
CA VAL B 62 16.81 6.97 25.71
C VAL B 62 17.47 6.76 27.07
N ASP B 63 18.79 6.67 27.10
CA ASP B 63 19.48 6.49 28.38
C ASP B 63 19.11 7.61 29.35
N LYS B 64 19.10 8.86 28.88
CA LYS B 64 18.75 10.00 29.72
C LYS B 64 17.31 9.91 30.25
N THR B 65 16.41 9.32 29.46
CA THR B 65 15.01 9.21 29.83
C THR B 65 14.78 8.09 30.86
N VAL B 66 15.52 6.99 30.72
CA VAL B 66 15.33 5.81 31.57
C VAL B 66 16.05 5.96 32.91
N ALA B 67 17.13 6.73 32.96
CA ALA B 67 17.89 6.91 34.21
C ALA B 67 16.99 7.30 35.36
N GLY B 68 17.11 6.57 36.47
CA GLY B 68 16.44 6.91 37.71
C GLY B 68 14.97 6.57 37.79
N GLN B 69 14.42 5.83 36.84
CA GLN B 69 13.00 5.52 36.88
C GLN B 69 12.76 4.22 37.63
N ASP B 70 11.51 4.04 38.08
CA ASP B 70 11.06 2.78 38.65
C ASP B 70 10.48 1.85 37.59
N ALA B 71 9.93 2.38 36.50
CA ALA B 71 9.32 1.56 35.46
C ALA B 71 9.22 2.39 34.18
N VAL B 72 8.95 1.68 33.08
CA VAL B 72 8.88 2.30 31.76
C VAL B 72 7.57 1.87 31.09
N ILE B 73 6.86 2.84 30.53
CA ILE B 73 5.67 2.60 29.69
C ILE B 73 6.04 2.92 28.25
N VAL B 74 5.70 2.00 27.33
CA VAL B 74 6.07 2.17 25.92
C VAL B 74 4.77 2.23 25.13
N LEU B 75 4.52 3.38 24.51
CA LEU B 75 3.37 3.60 23.64
C LEU B 75 3.84 4.19 22.31
N LEU B 76 4.97 3.70 21.81
CA LEU B 76 5.47 4.12 20.51
C LEU B 76 4.59 3.59 19.39
N GLY B 77 4.65 4.28 18.27
CA GLY B 77 3.97 3.83 17.06
C GLY B 77 4.49 4.66 15.91
N THR B 78 4.30 4.14 14.70
CA THR B 78 4.84 4.90 13.58
C THR B 78 3.78 5.71 12.84
N ARG B 79 2.50 5.38 13.06
CA ARG B 79 1.34 6.04 12.48
C ARG B 79 1.21 5.78 10.98
N ASN B 80 2.18 6.19 10.17
CA ASN B 80 1.97 6.16 8.73
C ASN B 80 2.82 5.15 7.96
N ASP B 81 3.66 4.35 8.62
CA ASP B 81 4.56 3.45 7.89
C ASP B 81 3.79 2.28 7.28
N LEU B 82 3.90 2.13 5.98
CA LEU B 82 3.16 1.17 5.18
C LEU B 82 4.03 0.04 4.67
N SER B 83 5.34 0.14 4.85
CA SER B 83 6.33 -0.75 4.24
C SER B 83 7.37 -1.01 5.33
N PRO B 84 8.26 -2.03 5.17
CA PRO B 84 9.14 -2.43 6.28
C PRO B 84 9.76 -1.27 7.05
N THR B 85 9.66 -1.35 8.38
CA THR B 85 10.06 -0.28 9.28
C THR B 85 10.56 -0.92 10.56
N THR B 86 11.60 -0.32 11.16
CA THR B 86 12.20 -0.89 12.36
C THR B 86 12.29 0.12 13.50
N VAL B 87 11.52 1.21 13.43
CA VAL B 87 11.63 2.27 14.43
C VAL B 87 11.27 1.74 15.82
N MET B 88 10.16 1.00 15.92
CA MET B 88 9.74 0.52 17.24
C MET B 88 10.71 -0.51 17.80
N SER B 89 11.13 -1.47 16.98
CA SER B 89 12.00 -2.53 17.52
C SER B 89 13.38 -1.97 17.85
N GLU B 90 13.90 -1.06 17.03
CA GLU B 90 15.17 -0.42 17.38
C GLU B 90 15.01 0.47 18.60
N GLY B 91 13.89 1.17 18.73
CA GLY B 91 13.62 1.89 19.97
C GLY B 91 13.61 0.99 21.19
N ALA B 92 12.94 -0.16 21.09
CA ALA B 92 12.89 -1.11 22.20
C ALA B 92 14.26 -1.67 22.53
N ARG B 93 15.13 -1.87 21.53
CA ARG B 93 16.49 -2.30 21.84
C ARG B 93 17.20 -1.24 22.67
N ASN B 94 17.05 0.03 22.29
CA ASN B 94 17.67 1.10 23.08
C ASN B 94 17.07 1.17 24.48
N ILE B 95 15.76 0.96 24.61
CA ILE B 95 15.14 1.00 25.92
C ILE B 95 15.64 -0.14 26.80
N VAL B 96 15.76 -1.34 26.23
CA VAL B 96 16.21 -2.48 27.01
C VAL B 96 17.62 -2.25 27.51
N ALA B 97 18.51 -1.79 26.62
CA ALA B 97 19.89 -1.54 27.02
C ALA B 97 19.97 -0.48 28.11
N ALA B 98 19.12 0.55 28.02
CA ALA B 98 19.15 1.61 29.04
C ALA B 98 18.58 1.12 30.37
N MET B 99 17.50 0.34 30.32
CA MET B 99 16.94 -0.23 31.55
C MET B 99 17.96 -1.13 32.24
N LYS B 100 18.67 -1.96 31.47
CA LYS B 100 19.68 -2.83 32.05
C LYS B 100 20.80 -2.02 32.68
N ALA B 101 21.23 -0.94 32.00
CA ALA B 101 22.35 -0.15 32.50
C ALA B 101 21.99 0.62 33.77
N HIS B 102 20.71 0.89 34.00
CA HIS B 102 20.27 1.68 35.14
C HIS B 102 19.49 0.87 36.18
N GLY B 103 19.44 -0.45 36.02
CA GLY B 103 18.75 -1.28 37.00
C GLY B 103 17.24 -1.10 37.05
N VAL B 104 16.62 -0.73 35.93
CA VAL B 104 15.17 -0.60 35.86
C VAL B 104 14.59 -1.94 35.40
N ASP B 105 13.61 -2.44 36.14
CA ASP B 105 13.17 -3.83 36.02
C ASP B 105 11.87 -4.00 35.26
N LYS B 106 11.02 -2.97 35.20
CA LYS B 106 9.62 -3.14 34.83
C LYS B 106 9.30 -2.34 33.58
N VAL B 107 8.81 -3.03 32.54
CA VAL B 107 8.41 -2.37 31.29
C VAL B 107 7.03 -2.87 30.90
N VAL B 108 6.15 -1.94 30.55
CA VAL B 108 4.80 -2.23 30.11
C VAL B 108 4.72 -1.65 28.71
N ALA B 109 4.54 -2.50 27.70
CA ALA B 109 4.71 -2.07 26.32
C ALA B 109 3.53 -2.51 25.48
N CYS B 110 3.05 -1.59 24.65
CA CYS B 110 1.89 -1.82 23.80
C CYS B 110 2.33 -2.29 22.42
N THR B 111 1.83 -3.43 21.97
CA THR B 111 1.93 -3.79 20.55
C THR B 111 0.51 -3.82 19.97
N SER B 112 -0.05 -5.01 19.69
CA SER B 112 -1.39 -5.04 19.14
C SER B 112 -1.94 -6.44 19.23
N ALA B 113 -3.28 -6.54 19.24
CA ALA B 113 -3.93 -7.83 19.31
C ALA B 113 -3.73 -8.65 18.04
N PHE B 114 -3.19 -8.06 16.97
CA PHE B 114 -2.85 -8.86 15.80
C PHE B 114 -1.85 -9.95 16.18
N LEU B 115 -1.05 -9.74 17.23
CA LEU B 115 -0.13 -10.78 17.67
C LEU B 115 -0.83 -11.99 18.28
N LEU B 116 -2.13 -11.88 18.54
CA LEU B 116 -2.94 -12.97 19.07
C LEU B 116 -3.86 -13.59 18.02
N TRP B 117 -3.92 -13.02 16.82
CA TRP B 117 -4.76 -13.52 15.74
C TRP B 117 -3.89 -14.25 14.71
N ASP B 118 -4.55 -15.02 13.87
CA ASP B 118 -3.87 -15.60 12.73
C ASP B 118 -3.28 -14.49 11.86
N PRO B 119 -2.09 -14.67 11.30
CA PRO B 119 -1.50 -13.62 10.43
C PRO B 119 -2.37 -13.22 9.25
N THR B 120 -3.25 -14.10 8.77
CA THR B 120 -4.10 -13.70 7.64
C THR B 120 -5.15 -12.67 8.02
N LYS B 121 -5.29 -12.36 9.30
CA LYS B 121 -6.19 -11.29 9.73
C LYS B 121 -5.62 -9.91 9.48
N VAL B 122 -4.32 -9.79 9.25
CA VAL B 122 -3.68 -8.47 9.19
C VAL B 122 -3.91 -7.86 7.82
N PRO B 123 -4.50 -6.67 7.73
CA PRO B 123 -4.62 -5.98 6.45
C PRO B 123 -3.24 -5.78 5.82
N PRO B 124 -3.12 -5.99 4.51
CA PRO B 124 -1.80 -5.88 3.85
C PRO B 124 -1.02 -4.62 4.22
N ARG B 125 -1.67 -3.46 4.29
CA ARG B 125 -0.93 -2.24 4.56
C ARG B 125 -0.56 -2.07 6.04
N LEU B 126 -1.00 -2.98 6.91
CA LEU B 126 -0.55 -3.02 8.29
C LEU B 126 0.43 -4.15 8.55
N GLN B 127 0.83 -4.89 7.52
CA GLN B 127 1.72 -6.02 7.77
CA GLN B 127 1.74 -6.01 7.71
C GLN B 127 3.10 -5.55 8.23
N ALA B 128 3.58 -4.43 7.69
CA ALA B 128 4.92 -3.96 8.06
C ALA B 128 4.97 -3.53 9.52
N VAL B 129 3.99 -2.74 9.96
CA VAL B 129 3.98 -2.33 11.36
C VAL B 129 3.80 -3.54 12.27
N THR B 130 2.96 -4.50 11.88
CA THR B 130 2.78 -5.70 12.68
C THR B 130 4.06 -6.52 12.75
N ASP B 131 4.77 -6.64 11.61
CA ASP B 131 6.08 -7.29 11.64
C ASP B 131 6.99 -6.64 12.68
N ASP B 132 6.97 -5.31 12.79
CA ASP B 132 7.89 -4.68 13.73
C ASP B 132 7.38 -4.77 15.16
N HIS B 133 6.06 -4.78 15.37
CA HIS B 133 5.51 -5.13 16.68
C HIS B 133 6.02 -6.49 17.13
N ILE B 134 5.99 -7.48 16.23
CA ILE B 134 6.49 -8.80 16.57
C ILE B 134 7.96 -8.72 16.95
N ARG B 135 8.75 -7.96 16.19
CA ARG B 135 10.17 -7.83 16.52
C ARG B 135 10.35 -7.17 17.87
N MET B 136 9.56 -6.11 18.14
CA MET B 136 9.68 -5.43 19.43
C MET B 136 9.27 -6.33 20.58
N HIS B 137 8.17 -7.08 20.41
CA HIS B 137 7.75 -8.05 21.42
C HIS B 137 8.86 -9.05 21.73
N LYS B 138 9.52 -9.56 20.69
CA LYS B 138 10.59 -10.52 20.92
C LYS B 138 11.75 -9.89 21.67
N VAL B 139 12.11 -8.66 21.29
CA VAL B 139 13.17 -7.95 21.99
C VAL B 139 12.87 -7.87 23.48
N LEU B 140 11.62 -7.54 23.81
CA LEU B 140 11.25 -7.38 25.21
C LEU B 140 11.13 -8.73 25.92
N ARG B 141 10.58 -9.75 25.25
CA ARG B 141 10.46 -11.04 25.91
C ARG B 141 11.83 -11.66 26.18
N GLU B 142 12.79 -11.44 25.29
CA GLU B 142 14.13 -12.02 25.44
C GLU B 142 15.03 -11.23 26.38
N SER B 143 14.59 -10.06 26.83
CA SER B 143 15.43 -9.16 27.61
C SER B 143 15.65 -9.62 29.04
N GLY B 144 14.78 -10.47 29.58
CA GLY B 144 14.89 -10.85 30.97
C GLY B 144 14.28 -9.85 31.95
N LEU B 145 13.80 -8.71 31.47
CA LEU B 145 13.13 -7.73 32.30
C LEU B 145 11.72 -8.18 32.60
N LYS B 146 11.13 -7.62 33.67
CA LYS B 146 9.72 -7.86 33.96
C LYS B 146 8.89 -7.12 32.93
N TYR B 147 8.22 -7.86 32.05
CA TYR B 147 7.62 -7.29 30.85
C TYR B 147 6.15 -7.71 30.80
N VAL B 148 5.25 -6.72 30.76
CA VAL B 148 3.84 -6.96 30.50
C VAL B 148 3.57 -6.58 29.05
N ALA B 149 3.16 -7.55 28.24
CA ALA B 149 2.86 -7.33 26.83
C ALA B 149 1.40 -6.94 26.74
N VAL B 150 1.13 -5.71 26.35
CA VAL B 150 -0.23 -5.21 26.19
C VAL B 150 -0.57 -5.24 24.71
N MET B 151 -1.62 -5.98 24.35
CA MET B 151 -1.96 -6.26 22.96
C MET B 151 -3.41 -5.87 22.74
N PRO B 152 -3.67 -4.58 22.50
CA PRO B 152 -5.04 -4.09 22.46
C PRO B 152 -5.68 -4.32 21.09
N PRO B 153 -7.02 -4.45 21.06
CA PRO B 153 -7.75 -4.40 19.79
C PRO B 153 -7.92 -2.95 19.34
N HIS B 154 -8.95 -2.66 18.56
CA HIS B 154 -9.14 -1.29 18.06
C HIS B 154 -9.17 -0.31 19.23
N ILE B 155 -8.44 0.80 19.10
CA ILE B 155 -8.39 1.83 20.11
C ILE B 155 -9.41 2.91 19.77
N GLY B 156 -10.43 3.07 20.63
CA GLY B 156 -11.50 4.00 20.40
C GLY B 156 -11.35 5.27 21.21
N ASP B 157 -12.39 6.13 21.14
CA ASP B 157 -12.39 7.42 21.82
C ASP B 157 -13.42 7.51 22.94
N GLN B 158 -13.96 6.37 23.38
CA GLN B 158 -15.01 6.38 24.40
C GLN B 158 -14.47 6.89 25.74
N PRO B 159 -15.33 7.42 26.60
CA PRO B 159 -14.85 7.98 27.86
C PRO B 159 -14.25 6.91 28.76
N LEU B 160 -13.39 7.36 29.67
CA LEU B 160 -12.77 6.48 30.66
C LEU B 160 -13.83 5.81 31.53
N THR B 161 -13.74 4.48 31.66
CA THR B 161 -14.67 3.72 32.49
C THR B 161 -13.99 2.97 33.65
N GLY B 162 -12.75 2.53 33.47
CA GLY B 162 -12.09 1.71 34.46
C GLY B 162 -12.77 0.38 34.72
N ALA B 163 -13.66 -0.05 33.82
CA ALA B 163 -14.47 -1.25 34.02
C ALA B 163 -14.21 -2.32 32.96
N TYR B 164 -13.18 -2.15 32.13
CA TYR B 164 -12.84 -3.09 31.09
C TYR B 164 -12.39 -4.43 31.70
N THR B 165 -12.28 -5.44 30.83
CA THR B 165 -11.76 -6.74 31.21
C THR B 165 -10.34 -6.90 30.66
N VAL B 166 -9.57 -7.74 31.34
CA VAL B 166 -8.21 -8.05 30.93
C VAL B 166 -8.13 -9.55 30.75
N THR B 167 -7.86 -9.98 29.51
CA THR B 167 -7.74 -11.39 29.18
C THR B 167 -6.27 -11.76 29.08
N LEU B 168 -5.89 -12.85 29.73
CA LEU B 168 -4.50 -13.24 29.86
C LEU B 168 -4.14 -14.28 28.80
N ASP B 169 -3.09 -14.00 28.03
CA ASP B 169 -2.52 -14.98 27.10
C ASP B 169 -3.56 -15.49 26.11
N GLY B 170 -4.30 -14.55 25.56
CA GLY B 170 -5.35 -14.89 24.62
C GLY B 170 -6.23 -13.68 24.40
N ARG B 171 -7.25 -13.89 23.57
CA ARG B 171 -8.18 -12.84 23.21
C ARG B 171 -9.44 -12.93 24.05
N GLY B 172 -9.98 -11.77 24.42
CA GLY B 172 -11.20 -11.68 25.17
C GLY B 172 -12.40 -11.46 24.30
N PRO B 173 -13.56 -11.24 24.91
CA PRO B 173 -14.82 -11.23 24.15
C PRO B 173 -15.06 -9.94 23.37
N SER B 174 -14.68 -8.80 23.94
CA SER B 174 -14.89 -7.54 23.26
C SER B 174 -13.75 -7.25 22.29
N ARG B 175 -14.02 -6.38 21.31
CA ARG B 175 -13.05 -6.06 20.27
C ARG B 175 -12.73 -4.57 20.19
N VAL B 176 -12.91 -3.83 21.28
CA VAL B 176 -12.53 -2.42 21.33
C VAL B 176 -12.07 -2.09 22.74
N ILE B 177 -11.12 -1.16 22.84
CA ILE B 177 -10.72 -0.56 24.11
C ILE B 177 -10.58 0.94 23.90
N SER B 178 -11.18 1.72 24.79
CA SER B 178 -11.00 3.17 24.75
C SER B 178 -9.55 3.54 25.00
N LYS B 179 -9.06 4.57 24.29
CA LYS B 179 -7.69 5.01 24.58
C LYS B 179 -7.54 5.38 26.04
N HIS B 180 -8.58 5.93 26.67
CA HIS B 180 -8.50 6.27 28.09
C HIS B 180 -8.42 5.03 28.96
N ASP B 181 -9.23 4.01 28.65
CA ASP B 181 -9.16 2.76 29.40
C ASP B 181 -7.82 2.06 29.17
N LEU B 182 -7.31 2.09 27.94
CA LEU B 182 -6.00 1.50 27.66
C LEU B 182 -4.90 2.15 28.49
N GLY B 183 -4.91 3.49 28.57
CA GLY B 183 -3.93 4.17 29.42
C GLY B 183 -4.13 3.82 30.88
N HIS B 184 -5.39 3.80 31.33
CA HIS B 184 -5.69 3.33 32.67
C HIS B 184 -5.06 1.97 32.96
N PHE B 185 -5.17 1.04 32.01
CA PHE B 185 -4.61 -0.29 32.23
C PHE B 185 -3.08 -0.26 32.27
N MET B 186 -2.43 0.53 31.39
CA MET B 186 -0.96 0.64 31.43
C MET B 186 -0.50 1.05 32.81
N LEU B 187 -1.22 1.98 33.44
CA LEU B 187 -0.84 2.43 34.77
C LEU B 187 -1.18 1.38 35.81
N ARG B 188 -2.31 0.69 35.65
CA ARG B 188 -2.61 -0.41 36.56
C ARG B 188 -1.48 -1.44 36.59
N CYS B 189 -0.83 -1.68 35.44
CA CYS B 189 0.25 -2.66 35.40
C CYS B 189 1.43 -2.24 36.26
N LEU B 190 1.52 -0.97 36.65
CA LEU B 190 2.61 -0.53 37.50
C LEU B 190 2.41 -0.90 38.97
N THR B 191 1.20 -1.27 39.36
CA THR B 191 0.86 -1.53 40.76
C THR B 191 0.81 -3.00 41.12
N THR B 192 1.22 -3.89 40.21
CA THR B 192 1.11 -5.32 40.46
C THR B 192 2.11 -6.03 39.56
N ASP B 193 2.47 -7.25 39.95
CA ASP B 193 3.30 -8.11 39.11
C ASP B 193 2.51 -9.28 38.52
N GLU B 194 1.18 -9.28 38.66
CA GLU B 194 0.39 -10.42 38.21
C GLU B 194 0.38 -10.58 36.69
N TYR B 195 0.72 -9.53 35.94
CA TYR B 195 0.74 -9.59 34.49
C TYR B 195 2.14 -9.84 33.93
N ASP B 196 3.18 -9.85 34.77
CA ASP B 196 4.54 -10.00 34.27
C ASP B 196 4.69 -11.32 33.54
N GLY B 197 5.34 -11.26 32.36
CA GLY B 197 5.53 -12.46 31.56
C GLY B 197 4.29 -12.94 30.85
N HIS B 198 3.20 -12.18 30.91
CA HIS B 198 1.96 -12.51 30.22
C HIS B 198 1.68 -11.53 29.09
N SER B 199 0.88 -11.98 28.13
CA SER B 199 0.24 -11.08 27.20
C SER B 199 -1.12 -10.70 27.78
N THR B 200 -1.49 -9.43 27.60
CA THR B 200 -2.73 -8.92 28.17
C THR B 200 -3.55 -8.27 27.06
N TYR B 201 -4.83 -8.60 27.03
CA TYR B 201 -5.76 -8.10 26.02
C TYR B 201 -6.86 -7.34 26.75
N PRO B 202 -6.76 -6.02 26.86
CA PRO B 202 -7.83 -5.24 27.48
C PRO B 202 -8.93 -4.94 26.47
N SER B 203 -10.19 -5.06 26.92
CA SER B 203 -11.33 -4.82 26.05
C SER B 203 -12.56 -4.55 26.89
N HIS B 204 -13.57 -3.97 26.26
CA HIS B 204 -14.77 -3.58 26.98
C HIS B 204 -15.91 -3.41 26.00
N GLN B 205 -17.14 -3.44 26.54
CA GLN B 205 -18.33 -3.07 25.79
C GLN B 205 -18.77 -1.71 26.28
N TYR B 206 -18.71 -0.71 25.39
CA TYR B 206 -19.10 0.65 25.73
C TYR B 206 -20.58 0.82 25.43
N GLN B 207 -21.25 1.58 26.31
CA GLN B 207 -22.69 1.54 26.62
C GLN B 207 -22.85 0.67 27.88
N HIS C 1 30.89 26.10 -9.54
CA HIS C 1 30.51 25.82 -10.92
C HIS C 1 29.93 24.41 -11.07
N MET C 2 29.04 24.02 -10.16
CA MET C 2 28.50 22.67 -10.15
C MET C 2 27.31 22.60 -11.10
N ALA C 3 27.47 21.86 -12.20
CA ALA C 3 26.34 21.61 -13.08
C ALA C 3 25.20 20.95 -12.33
N VAL C 4 25.50 19.94 -11.52
CA VAL C 4 24.53 19.34 -10.62
C VAL C 4 24.78 19.89 -9.23
N LYS C 5 23.76 20.61 -8.67
CA LYS C 5 24.03 21.10 -7.34
C LYS C 5 22.86 20.84 -6.42
N LYS C 6 21.63 20.96 -6.89
CA LYS C 6 20.48 20.57 -6.08
C LYS C 6 20.18 19.10 -6.35
N ILE C 7 20.25 18.26 -5.32
CA ILE C 7 19.93 16.84 -5.50
C ILE C 7 18.91 16.38 -4.46
N ALA C 8 18.09 15.43 -4.86
CA ALA C 8 17.24 14.72 -3.93
C ALA C 8 17.91 13.40 -3.60
N ILE C 9 17.90 13.02 -2.33
CA ILE C 9 18.36 11.70 -1.92
C ILE C 9 17.17 10.98 -1.30
N PHE C 10 16.84 9.82 -1.85
CA PHE C 10 15.88 8.89 -1.25
C PHE C 10 16.66 7.85 -0.48
N GLY C 11 16.21 7.55 0.75
CA GLY C 11 16.98 6.65 1.60
C GLY C 11 18.13 7.28 2.34
N ALA C 12 18.06 8.60 2.62
CA ALA C 12 19.19 9.29 3.26
C ALA C 12 19.44 8.81 4.68
N THR C 13 18.42 8.26 5.36
CA THR C 13 18.63 7.82 6.73
C THR C 13 19.21 6.41 6.84
N GLY C 14 19.42 5.71 5.71
CA GLY C 14 19.88 4.34 5.74
C GLY C 14 21.40 4.23 5.84
N GLN C 15 21.88 2.98 5.80
CA GLN C 15 23.30 2.72 5.96
C GLN C 15 24.15 3.52 4.98
N THR C 16 23.84 3.40 3.69
CA THR C 16 24.61 4.13 2.70
C THR C 16 24.14 5.58 2.61
N GLY C 17 22.83 5.81 2.81
CA GLY C 17 22.31 7.16 2.70
C GLY C 17 22.98 8.15 3.65
N LEU C 18 23.24 7.73 4.89
CA LEU C 18 23.76 8.67 5.87
C LEU C 18 25.14 9.18 5.46
N THR C 19 25.99 8.29 4.95
CA THR C 19 27.32 8.75 4.56
C THR C 19 27.28 9.46 3.22
N THR C 20 26.35 9.08 2.33
CA THR C 20 26.18 9.82 1.08
C THR C 20 25.74 11.25 1.38
N LEU C 21 24.77 11.41 2.29
CA LEU C 21 24.35 12.74 2.71
C LEU C 21 25.52 13.55 3.29
N ALA C 22 26.29 12.95 4.19
CA ALA C 22 27.42 13.67 4.80
C ALA C 22 28.43 14.09 3.75
N GLN C 23 28.75 13.19 2.81
CA GLN C 23 29.71 13.55 1.77
C GLN C 23 29.16 14.61 0.84
N ALA C 24 27.87 14.52 0.54
CA ALA C 24 27.27 15.49 -0.38
C ALA C 24 27.26 16.89 0.24
N VAL C 25 26.93 16.99 1.53
CA VAL C 25 26.93 18.31 2.16
C VAL C 25 28.33 18.88 2.18
N GLN C 26 29.33 18.04 2.47
CA GLN C 26 30.72 18.51 2.50
CA GLN C 26 30.71 18.52 2.50
C GLN C 26 31.18 18.96 1.11
N ALA C 27 30.71 18.27 0.07
CA ALA C 27 31.09 18.60 -1.31
C ALA C 27 30.35 19.82 -1.84
N GLY C 28 29.44 20.40 -1.07
CA GLY C 28 28.76 21.61 -1.48
C GLY C 28 27.42 21.41 -2.16
N TYR C 29 26.88 20.20 -2.17
CA TYR C 29 25.54 20.01 -2.71
C TYR C 29 24.49 20.60 -1.81
N GLU C 30 23.39 21.05 -2.43
CA GLU C 30 22.19 21.51 -1.73
C GLU C 30 21.22 20.35 -1.74
N VAL C 31 21.12 19.63 -0.61
CA VAL C 31 20.49 18.31 -0.57
C VAL C 31 19.09 18.43 -0.02
N THR C 32 18.12 17.84 -0.73
CA THR C 32 16.78 17.61 -0.22
C THR C 32 16.64 16.12 0.09
N VAL C 33 16.07 15.80 1.26
CA VAL C 33 15.87 14.41 1.64
C VAL C 33 14.38 14.19 1.85
N LEU C 34 13.93 12.97 1.52
CA LEU C 34 12.59 12.50 1.91
C LEU C 34 12.78 11.50 3.03
N VAL C 35 12.20 11.80 4.21
CA VAL C 35 12.31 10.92 5.36
C VAL C 35 10.91 10.57 5.87
N ARG C 36 10.78 9.34 6.36
CA ARG C 36 9.53 8.93 6.98
C ARG C 36 9.37 9.59 8.35
N ASP C 37 8.12 9.87 8.73
CA ASP C 37 7.84 10.71 9.89
C ASP C 37 8.48 10.17 11.16
N SER C 38 8.49 8.84 11.31
CA SER C 38 9.03 8.24 12.52
C SER C 38 10.54 8.09 12.50
N SER C 39 11.19 8.36 11.37
CA SER C 39 12.63 8.11 11.22
C SER C 39 13.28 9.34 10.58
N ARG C 40 13.57 10.31 11.44
CA ARG C 40 14.26 11.52 11.01
CA ARG C 40 14.27 11.54 11.07
C ARG C 40 15.78 11.34 11.08
N LEU C 41 16.48 12.29 10.45
CA LEU C 41 17.94 12.30 10.49
C LEU C 41 18.44 12.57 11.91
N PRO C 42 19.59 12.02 12.27
CA PRO C 42 20.11 12.24 13.63
C PRO C 42 20.46 13.69 13.88
N SER C 43 20.14 14.16 15.09
CA SER C 43 20.36 15.55 15.45
C SER C 43 21.85 15.92 15.39
N GLU C 44 22.71 14.94 15.64
CA GLU C 44 24.15 15.17 15.66
C GLU C 44 24.68 15.52 14.27
N GLY C 45 24.11 14.92 13.23
CA GLY C 45 24.79 14.79 11.97
C GLY C 45 24.63 16.00 11.08
N PRO C 46 25.19 15.88 9.87
CA PRO C 46 25.04 16.95 8.87
C PRO C 46 23.59 17.24 8.57
N ARG C 47 23.27 18.52 8.41
CA ARG C 47 21.91 18.89 8.09
C ARG C 47 21.76 19.07 6.59
N PRO C 48 20.78 18.44 5.96
CA PRO C 48 20.49 18.76 4.56
C PRO C 48 19.93 20.18 4.45
N ALA C 49 19.87 20.65 3.21
CA ALA C 49 19.27 21.95 2.95
C ALA C 49 17.75 21.93 3.14
N HIS C 50 17.10 20.82 2.79
CA HIS C 50 15.64 20.74 2.82
C HIS C 50 15.21 19.34 3.23
N VAL C 51 14.17 19.27 4.07
CA VAL C 51 13.61 18.01 4.56
C VAL C 51 12.14 17.95 4.16
N VAL C 52 11.78 16.89 3.45
CA VAL C 52 10.38 16.54 3.21
C VAL C 52 10.06 15.34 4.07
N VAL C 53 9.00 15.44 4.87
CA VAL C 53 8.56 14.33 5.70
C VAL C 53 7.41 13.63 4.97
N GLY C 54 7.58 12.35 4.69
CA GLY C 54 6.55 11.60 3.97
C GLY C 54 7.06 10.24 3.58
N ASP C 55 6.49 9.71 2.51
CA ASP C 55 6.73 8.32 2.16
C ASP C 55 6.93 8.20 0.66
N VAL C 56 7.90 7.38 0.25
CA VAL C 56 8.15 7.23 -1.18
C VAL C 56 6.98 6.56 -1.89
N LEU C 57 6.10 5.91 -1.13
CA LEU C 57 4.87 5.31 -1.68
C LEU C 57 3.76 6.34 -1.89
N GLN C 58 3.97 7.60 -1.51
CA GLN C 58 3.00 8.66 -1.83
C GLN C 58 3.57 9.52 -2.94
N ALA C 59 2.93 9.48 -4.11
CA ALA C 59 3.38 10.30 -5.23
C ALA C 59 3.53 11.77 -4.84
N ALA C 60 2.60 12.29 -4.04
CA ALA C 60 2.68 13.70 -3.66
C ALA C 60 3.97 14.00 -2.91
N ASP C 61 4.39 13.09 -2.02
CA ASP C 61 5.61 13.32 -1.25
C ASP C 61 6.82 13.24 -2.15
N VAL C 62 6.82 12.29 -3.09
CA VAL C 62 7.93 12.17 -4.04
C VAL C 62 7.99 13.40 -4.93
N ASP C 63 6.83 13.88 -5.39
CA ASP C 63 6.79 15.07 -6.23
C ASP C 63 7.41 16.27 -5.51
N LYS C 64 7.06 16.46 -4.23
CA LYS C 64 7.63 17.57 -3.45
C LYS C 64 9.13 17.47 -3.30
N THR C 65 9.65 16.25 -3.26
CA THR C 65 11.07 16.01 -3.06
C THR C 65 11.84 16.24 -4.35
N VAL C 66 11.26 15.86 -5.50
CA VAL C 66 11.97 15.93 -6.78
C VAL C 66 11.87 17.32 -7.40
N ALA C 67 10.81 18.08 -7.07
CA ALA C 67 10.63 19.40 -7.66
C ALA C 67 11.88 20.26 -7.49
N GLY C 68 12.31 20.88 -8.58
CA GLY C 68 13.41 21.82 -8.53
C GLY C 68 14.81 21.24 -8.49
N GLN C 69 14.97 19.92 -8.52
CA GLN C 69 16.30 19.33 -8.39
C GLN C 69 17.01 19.25 -9.73
N ASP C 70 18.33 19.08 -9.67
CA ASP C 70 19.15 18.76 -10.83
C ASP C 70 19.29 17.26 -11.09
N ALA C 71 19.17 16.43 -10.06
CA ALA C 71 19.41 14.99 -10.17
C ALA C 71 18.85 14.29 -8.93
N VAL C 72 18.72 12.97 -9.03
CA VAL C 72 18.15 12.15 -7.96
C VAL C 72 19.11 11.00 -7.65
N ILE C 73 19.37 10.76 -6.36
CA ILE C 73 20.09 9.58 -5.89
C ILE C 73 19.09 8.69 -5.14
N VAL C 74 19.10 7.40 -5.45
CA VAL C 74 18.14 6.47 -4.83
C VAL C 74 18.91 5.39 -4.05
N LEU C 75 18.72 5.38 -2.73
CA LEU C 75 19.31 4.44 -1.79
C LEU C 75 18.23 3.83 -0.91
N LEU C 76 17.08 3.56 -1.53
CA LEU C 76 15.99 2.90 -0.82
C LEU C 76 16.34 1.46 -0.50
N GLY C 77 15.71 0.94 0.54
CA GLY C 77 15.92 -0.45 0.93
C GLY C 77 15.03 -0.73 2.13
N THR C 78 15.12 -1.96 2.63
CA THR C 78 14.22 -2.36 3.72
C THR C 78 15.01 -2.79 4.96
N ARG C 79 16.21 -2.24 5.12
CA ARG C 79 17.09 -2.49 6.28
C ARG C 79 17.32 -3.99 6.41
N ASN C 80 17.15 -4.61 7.56
CA ASN C 80 17.46 -6.02 7.57
C ASN C 80 16.24 -6.90 7.27
N ASP C 81 15.15 -6.30 6.78
CA ASP C 81 13.92 -7.06 6.55
C ASP C 81 13.98 -7.77 5.20
N LEU C 82 13.83 -9.09 5.19
CA LEU C 82 13.96 -9.87 3.96
C LEU C 82 12.60 -10.24 3.38
N SER C 83 11.52 -9.63 3.88
CA SER C 83 10.15 -9.95 3.45
C SER C 83 9.89 -9.54 2.00
N PRO C 84 8.93 -10.21 1.34
CA PRO C 84 8.46 -9.72 0.04
C PRO C 84 8.03 -8.26 0.16
N THR C 85 8.36 -7.47 -0.86
CA THR C 85 8.13 -6.04 -0.80
C THR C 85 8.08 -5.50 -2.21
N THR C 86 7.39 -4.37 -2.33
CA THR C 86 7.45 -3.57 -3.56
C THR C 86 7.82 -2.11 -3.27
N VAL C 87 8.40 -1.82 -2.11
CA VAL C 87 8.62 -0.41 -1.78
C VAL C 87 9.64 0.23 -2.74
N MET C 88 10.64 -0.54 -3.16
CA MET C 88 11.68 0.03 -4.02
C MET C 88 11.16 0.22 -5.44
N SER C 89 10.41 -0.74 -5.97
CA SER C 89 9.94 -0.62 -7.34
C SER C 89 8.80 0.38 -7.44
N GLU C 90 7.87 0.36 -6.48
CA GLU C 90 6.80 1.36 -6.49
C GLU C 90 7.36 2.75 -6.21
N GLY C 91 8.35 2.85 -5.31
CA GLY C 91 9.01 4.13 -5.10
C GLY C 91 9.69 4.63 -6.36
N ALA C 92 10.36 3.73 -7.08
CA ALA C 92 10.98 4.12 -8.35
C ALA C 92 9.92 4.58 -9.36
N ARG C 93 8.78 3.89 -9.43
CA ARG C 93 7.70 4.35 -10.31
C ARG C 93 7.32 5.80 -10.00
N ASN C 94 7.16 6.11 -8.71
CA ASN C 94 6.80 7.49 -8.35
C ASN C 94 7.93 8.45 -8.68
N ILE C 95 9.18 8.04 -8.45
CA ILE C 95 10.32 8.91 -8.76
C ILE C 95 10.38 9.20 -10.26
N VAL C 96 10.18 8.17 -11.10
CA VAL C 96 10.20 8.36 -12.55
C VAL C 96 9.13 9.36 -12.95
N ALA C 97 7.91 9.20 -12.42
CA ALA C 97 6.83 10.09 -12.82
C ALA C 97 7.11 11.53 -12.38
N ALA C 98 7.66 11.70 -11.17
CA ALA C 98 8.01 13.04 -10.68
C ALA C 98 9.14 13.65 -11.51
N MET C 99 10.17 12.88 -11.82
CA MET C 99 11.26 13.42 -12.63
C MET C 99 10.75 13.88 -14.00
N LYS C 100 9.90 13.08 -14.64
CA LYS C 100 9.38 13.49 -15.95
C LYS C 100 8.55 14.75 -15.83
N ALA C 101 7.75 14.85 -14.76
CA ALA C 101 6.88 16.01 -14.59
C ALA C 101 7.67 17.28 -14.27
N HIS C 102 8.84 17.14 -13.67
CA HIS C 102 9.60 18.29 -13.19
C HIS C 102 10.84 18.56 -14.02
N GLY C 103 11.03 17.86 -15.13
CA GLY C 103 12.18 18.13 -15.98
C GLY C 103 13.53 17.67 -15.43
N VAL C 104 13.54 16.62 -14.61
CA VAL C 104 14.79 16.06 -14.08
C VAL C 104 15.12 14.82 -14.89
N ASP C 105 16.36 14.70 -15.35
CA ASP C 105 16.76 13.61 -16.23
CA ASP C 105 16.74 13.60 -16.23
C ASP C 105 17.65 12.58 -15.56
N LYS C 106 18.51 13.01 -14.65
CA LYS C 106 19.57 12.17 -14.12
C LYS C 106 19.11 11.44 -12.87
N VAL C 107 19.17 10.11 -12.89
CA VAL C 107 18.87 9.33 -11.69
C VAL C 107 19.94 8.26 -11.51
N VAL C 108 20.53 8.23 -10.33
CA VAL C 108 21.56 7.26 -9.96
C VAL C 108 20.94 6.40 -8.87
N ALA C 109 20.71 5.12 -9.15
CA ALA C 109 19.89 4.33 -8.24
C ALA C 109 20.53 2.99 -7.93
N CYS C 110 20.47 2.60 -6.66
CA CYS C 110 21.15 1.42 -6.16
C CYS C 110 20.19 0.23 -6.14
N THR C 111 20.56 -0.86 -6.84
CA THR C 111 19.88 -2.13 -6.67
C THR C 111 20.88 -3.08 -6.08
N SER C 112 21.47 -4.00 -6.88
CA SER C 112 22.28 -5.03 -6.27
C SER C 112 23.03 -5.79 -7.35
N ALA C 113 24.22 -6.26 -7.01
CA ALA C 113 25.01 -7.07 -7.93
C ALA C 113 24.31 -8.37 -8.31
N PHE C 114 23.30 -8.80 -7.54
CA PHE C 114 22.60 -10.03 -7.92
C PHE C 114 21.87 -9.88 -9.25
N LEU C 115 21.63 -8.64 -9.69
CA LEU C 115 21.02 -8.44 -11.02
C LEU C 115 22.00 -8.74 -12.14
N LEU C 116 23.29 -8.93 -11.83
CA LEU C 116 24.26 -9.42 -12.80
C LEU C 116 24.53 -10.91 -12.63
N TRP C 117 23.78 -11.58 -11.77
CA TRP C 117 24.00 -12.99 -11.49
C TRP C 117 23.12 -13.87 -12.35
N ASP C 118 23.49 -15.15 -12.41
CA ASP C 118 22.53 -16.18 -12.81
C ASP C 118 21.38 -16.06 -11.83
N PRO C 119 20.18 -15.69 -12.29
CA PRO C 119 19.06 -15.44 -11.35
C PRO C 119 18.71 -16.64 -10.48
N THR C 120 19.11 -17.85 -10.86
CA THR C 120 18.86 -19.03 -10.04
C THR C 120 19.93 -19.27 -8.98
N LYS C 121 20.99 -18.49 -8.96
CA LYS C 121 22.05 -18.67 -7.96
C LYS C 121 21.93 -17.69 -6.79
N VAL C 122 20.94 -16.81 -6.83
CA VAL C 122 20.69 -15.90 -5.70
C VAL C 122 20.26 -16.72 -4.49
N PRO C 123 20.83 -16.48 -3.32
CA PRO C 123 20.42 -17.22 -2.12
C PRO C 123 18.93 -17.08 -1.89
N PRO C 124 18.24 -18.18 -1.56
CA PRO C 124 16.78 -18.08 -1.38
C PRO C 124 16.39 -17.00 -0.38
N ARG C 125 17.20 -16.79 0.67
CA ARG C 125 16.79 -15.82 1.68
C ARG C 125 16.76 -14.41 1.12
N LEU C 126 17.53 -14.14 0.07
CA LEU C 126 17.61 -12.82 -0.54
C LEU C 126 16.72 -12.69 -1.76
N GLN C 127 15.96 -13.73 -2.11
CA GLN C 127 15.23 -13.73 -3.37
CA GLN C 127 15.26 -13.68 -3.38
C GLN C 127 14.10 -12.70 -3.37
N ALA C 128 13.41 -12.55 -2.23
CA ALA C 128 12.26 -11.65 -2.20
C ALA C 128 12.69 -10.20 -2.43
N VAL C 129 13.76 -9.77 -1.76
CA VAL C 129 14.24 -8.41 -1.96
C VAL C 129 14.84 -8.24 -3.35
N THR C 130 15.57 -9.26 -3.82
CA THR C 130 16.13 -9.21 -5.16
C THR C 130 15.04 -9.10 -6.21
N ASP C 131 13.91 -9.78 -5.98
CA ASP C 131 12.79 -9.67 -6.92
C ASP C 131 12.33 -8.22 -7.05
N ASP C 132 12.33 -7.47 -5.95
CA ASP C 132 11.93 -6.07 -6.08
C ASP C 132 13.03 -5.21 -6.68
N HIS C 133 14.31 -5.51 -6.41
CA HIS C 133 15.38 -4.85 -7.16
C HIS C 133 15.19 -5.06 -8.66
N ILE C 134 14.85 -6.28 -9.07
CA ILE C 134 14.63 -6.57 -10.49
C ILE C 134 13.49 -5.70 -11.03
N ARG C 135 12.38 -5.63 -10.29
CA ARG C 135 11.28 -4.77 -10.71
C ARG C 135 11.73 -3.31 -10.81
N MET C 136 12.47 -2.85 -9.81
CA MET C 136 12.91 -1.46 -9.76
C MET C 136 13.82 -1.14 -10.94
N HIS C 137 14.76 -2.03 -11.23
CA HIS C 137 15.67 -1.77 -12.35
C HIS C 137 14.92 -1.67 -13.66
N LYS C 138 13.92 -2.55 -13.87
CA LYS C 138 13.12 -2.48 -15.09
C LYS C 138 12.37 -1.15 -15.19
N VAL C 139 11.79 -0.69 -14.07
CA VAL C 139 11.10 0.61 -14.07
C VAL C 139 12.05 1.70 -14.56
N LEU C 140 13.25 1.75 -13.97
CA LEU C 140 14.19 2.81 -14.29
C LEU C 140 14.74 2.68 -15.71
N ARG C 141 15.05 1.45 -16.14
CA ARG C 141 15.57 1.21 -17.49
C ARG C 141 14.57 1.60 -18.55
N GLU C 142 13.29 1.33 -18.32
CA GLU C 142 12.25 1.61 -19.29
C GLU C 142 11.80 3.06 -19.27
N SER C 143 12.29 3.84 -18.33
CA SER C 143 11.85 5.22 -18.15
C SER C 143 12.34 6.12 -19.27
N GLY C 144 13.44 5.78 -19.91
CA GLY C 144 14.05 6.72 -20.83
C GLY C 144 14.87 7.80 -20.16
N LEU C 145 14.90 7.85 -18.84
CA LEU C 145 15.70 8.84 -18.14
C LEU C 145 17.18 8.46 -18.24
N LYS C 146 18.05 9.41 -17.90
CA LYS C 146 19.49 9.16 -17.84
C LYS C 146 19.76 8.43 -16.54
N TYR C 147 19.85 7.11 -16.62
CA TYR C 147 19.80 6.25 -15.45
C TYR C 147 21.13 5.52 -15.31
N VAL C 148 21.77 5.70 -14.16
CA VAL C 148 22.95 4.90 -13.81
C VAL C 148 22.48 3.81 -12.85
N ALA C 149 22.60 2.55 -13.28
CA ALA C 149 22.20 1.39 -12.48
C ALA C 149 23.39 0.97 -11.64
N VAL C 150 23.39 1.32 -10.36
CA VAL C 150 24.46 0.96 -9.45
C VAL C 150 24.10 -0.37 -8.78
N MET C 151 24.95 -1.38 -8.97
CA MET C 151 24.66 -2.77 -8.62
C MET C 151 25.81 -3.29 -7.74
N PRO C 152 25.83 -2.92 -6.47
CA PRO C 152 27.01 -3.24 -5.64
C PRO C 152 26.95 -4.65 -5.08
N PRO C 153 28.09 -5.18 -4.70
CA PRO C 153 28.14 -6.42 -3.91
C PRO C 153 27.93 -6.08 -2.45
N HIS C 154 28.51 -6.86 -1.53
CA HIS C 154 28.27 -6.64 -0.11
C HIS C 154 28.66 -5.22 0.29
N ILE C 155 27.77 -4.56 1.03
CA ILE C 155 28.05 -3.22 1.55
C ILE C 155 28.64 -3.37 2.95
N GLY C 156 29.88 -2.91 3.13
CA GLY C 156 30.59 -3.05 4.38
C GLY C 156 30.81 -1.72 5.07
N ASP C 157 31.55 -1.76 6.19
CA ASP C 157 31.83 -0.57 6.99
CA ASP C 157 31.81 -0.50 6.90
C ASP C 157 33.30 -0.16 6.93
N GLN C 158 34.02 -0.60 5.90
CA GLN C 158 35.42 -0.23 5.71
C GLN C 158 35.49 1.26 5.34
N PRO C 159 36.69 1.83 5.20
CA PRO C 159 36.79 3.28 5.02
C PRO C 159 36.34 3.79 3.66
N LEU C 160 36.15 5.11 3.63
CA LEU C 160 36.16 5.87 2.39
C LEU C 160 37.56 5.86 1.80
N THR C 161 37.68 5.44 0.54
CA THR C 161 38.97 5.45 -0.13
C THR C 161 38.98 6.24 -1.42
N GLY C 162 37.86 6.30 -2.15
CA GLY C 162 37.86 6.85 -3.49
C GLY C 162 38.69 6.06 -4.49
N ALA C 163 39.16 4.88 -4.11
CA ALA C 163 40.12 4.10 -4.90
C ALA C 163 39.53 2.81 -5.46
N TYR C 164 38.22 2.66 -5.36
CA TYR C 164 37.54 1.42 -5.73
C TYR C 164 37.51 1.25 -7.26
N THR C 165 37.33 -0.01 -7.66
CA THR C 165 37.13 -0.37 -9.06
C THR C 165 35.67 -0.12 -9.44
N VAL C 166 35.44 0.37 -10.66
CA VAL C 166 34.08 0.47 -11.19
C VAL C 166 34.02 -0.41 -12.42
N THR C 167 33.25 -1.50 -12.35
CA THR C 167 33.15 -2.44 -13.45
C THR C 167 31.86 -2.19 -14.21
N LEU C 168 31.98 -2.00 -15.52
CA LEU C 168 30.82 -1.68 -16.35
C LEU C 168 30.21 -2.94 -16.92
N ASP C 169 28.88 -3.09 -16.74
CA ASP C 169 28.08 -4.13 -17.37
C ASP C 169 28.61 -5.54 -17.08
N GLY C 170 29.01 -5.77 -15.85
CA GLY C 170 29.45 -7.09 -15.45
C GLY C 170 29.90 -7.06 -14.00
N ARG C 171 30.16 -8.25 -13.46
CA ARG C 171 30.59 -8.36 -12.08
C ARG C 171 32.06 -7.97 -11.95
N GLY C 172 32.39 -7.33 -10.83
CA GLY C 172 33.73 -6.83 -10.59
C GLY C 172 34.64 -7.85 -9.94
N PRO C 173 35.90 -7.46 -9.70
CA PRO C 173 36.90 -8.41 -9.19
C PRO C 173 36.89 -8.64 -7.70
N SER C 174 36.18 -7.83 -6.91
CA SER C 174 36.01 -8.04 -5.49
C SER C 174 34.54 -8.12 -5.14
N ARG C 175 34.27 -8.61 -3.93
CA ARG C 175 32.92 -8.94 -3.47
C ARG C 175 32.40 -7.98 -2.41
N VAL C 176 33.10 -6.86 -2.16
CA VAL C 176 32.69 -5.91 -1.14
C VAL C 176 32.90 -4.48 -1.65
N ILE C 177 32.05 -3.57 -1.19
CA ILE C 177 32.27 -2.14 -1.33
C ILE C 177 31.90 -1.50 0.00
N SER C 178 32.72 -0.58 0.50
CA SER C 178 32.34 0.12 1.73
C SER C 178 31.15 1.04 1.49
N LYS C 179 30.30 1.17 2.53
CA LYS C 179 29.18 2.10 2.41
C LYS C 179 29.68 3.49 2.05
N HIS C 180 30.84 3.91 2.58
CA HIS C 180 31.39 5.21 2.27
C HIS C 180 31.80 5.30 0.80
N ASP C 181 32.49 4.29 0.29
CA ASP C 181 32.87 4.27 -1.13
C ASP C 181 31.65 4.19 -2.03
N LEU C 182 30.62 3.43 -1.63
CA LEU C 182 29.42 3.38 -2.45
C LEU C 182 28.78 4.76 -2.56
N GLY C 183 28.68 5.47 -1.44
CA GLY C 183 28.13 6.82 -1.49
C GLY C 183 28.98 7.77 -2.32
N HIS C 184 30.31 7.68 -2.17
CA HIS C 184 31.24 8.45 -3.00
C HIS C 184 30.97 8.20 -4.48
N PHE C 185 30.75 6.94 -4.84
CA PHE C 185 30.48 6.61 -6.23
C PHE C 185 29.14 7.18 -6.69
N MET C 186 28.09 7.07 -5.86
CA MET C 186 26.78 7.64 -6.25
C MET C 186 26.93 9.11 -6.61
N LEU C 187 27.75 9.86 -5.84
CA LEU C 187 27.95 11.28 -6.12
C LEU C 187 28.84 11.49 -7.35
N ARG C 188 29.85 10.64 -7.51
CA ARG C 188 30.69 10.76 -8.70
C ARG C 188 29.86 10.62 -9.98
N CYS C 189 28.82 9.77 -9.94
CA CYS C 189 27.98 9.58 -11.11
C CYS C 189 27.23 10.85 -11.49
N LEU C 190 27.13 11.82 -10.58
CA LEU C 190 26.50 13.09 -10.91
C LEU C 190 27.38 13.99 -11.76
N THR C 191 28.68 13.72 -11.79
CA THR C 191 29.65 14.62 -12.41
C THR C 191 30.08 14.14 -13.79
N THR C 192 29.46 13.08 -14.31
CA THR C 192 29.87 12.54 -15.61
C THR C 192 28.67 11.86 -16.25
N ASP C 193 28.68 11.78 -17.58
CA ASP C 193 27.68 11.04 -18.33
CA ASP C 193 27.67 11.03 -18.30
C ASP C 193 28.14 9.63 -18.69
N GLU C 194 29.37 9.26 -18.32
CA GLU C 194 29.95 8.05 -18.89
C GLU C 194 29.25 6.78 -18.43
N TYR C 195 28.54 6.80 -17.30
CA TYR C 195 27.86 5.60 -16.83
C TYR C 195 26.38 5.57 -17.19
N ASP C 196 25.86 6.63 -17.82
CA ASP C 196 24.45 6.66 -18.17
C ASP C 196 24.11 5.47 -19.06
N GLY C 197 23.06 4.76 -18.71
CA GLY C 197 22.59 3.64 -19.49
C GLY C 197 23.36 2.36 -19.29
N HIS C 198 24.35 2.36 -18.39
CA HIS C 198 25.13 1.19 -18.03
C HIS C 198 24.76 0.67 -16.65
N SER C 199 25.14 -0.58 -16.40
CA SER C 199 25.16 -1.09 -15.05
C SER C 199 26.59 -0.91 -14.54
N THR C 200 26.72 -0.55 -13.26
CA THR C 200 28.03 -0.32 -12.66
C THR C 200 28.16 -1.13 -11.37
N TYR C 201 29.28 -1.79 -11.18
CA TYR C 201 29.52 -2.62 -10.01
C TYR C 201 30.76 -2.05 -9.36
N PRO C 202 30.62 -1.27 -8.29
CA PRO C 202 31.79 -0.75 -7.57
C PRO C 202 32.26 -1.79 -6.57
N SER C 203 33.57 -1.98 -6.49
CA SER C 203 34.08 -2.93 -5.50
C SER C 203 35.51 -2.58 -5.16
N HIS C 204 35.99 -3.15 -4.05
CA HIS C 204 37.32 -2.77 -3.60
C HIS C 204 37.86 -3.84 -2.67
N GLN C 205 39.17 -3.82 -2.50
CA GLN C 205 39.89 -4.64 -1.53
C GLN C 205 40.48 -3.69 -0.50
N TYR C 206 40.00 -3.79 0.74
CA TYR C 206 40.38 -2.85 1.79
C TYR C 206 41.60 -3.39 2.52
N GLN C 207 42.69 -2.62 2.46
CA GLN C 207 43.97 -3.08 2.97
C GLN C 207 44.91 -1.90 3.23
N MET D 2 -10.16 -28.38 -35.89
CA MET D 2 -9.46 -28.16 -34.63
C MET D 2 -8.42 -27.03 -34.76
N ALA D 3 -8.13 -26.66 -36.01
CA ALA D 3 -7.13 -25.64 -36.29
C ALA D 3 -7.65 -24.25 -35.92
N VAL D 4 -6.82 -23.48 -35.24
CA VAL D 4 -7.17 -22.12 -34.82
C VAL D 4 -6.63 -21.16 -35.87
N LYS D 5 -7.53 -20.33 -36.42
CA LYS D 5 -7.14 -19.22 -37.31
C LYS D 5 -7.60 -17.87 -36.78
N LYS D 6 -8.80 -17.79 -36.21
CA LYS D 6 -9.34 -16.55 -35.68
C LYS D 6 -9.23 -16.54 -34.16
N ILE D 7 -8.61 -15.50 -33.62
CA ILE D 7 -8.49 -15.36 -32.18
C ILE D 7 -8.88 -13.95 -31.76
N ALA D 8 -9.48 -13.86 -30.57
CA ALA D 8 -9.61 -12.60 -29.84
C ALA D 8 -8.45 -12.50 -28.86
N ILE D 9 -7.89 -11.30 -28.73
CA ILE D 9 -6.90 -11.00 -27.68
C ILE D 9 -7.47 -9.91 -26.79
N PHE D 10 -7.57 -10.19 -25.50
CA PHE D 10 -7.88 -9.20 -24.48
C PHE D 10 -6.59 -8.78 -23.78
N GLY D 11 -6.45 -7.47 -23.59
CA GLY D 11 -5.20 -6.94 -23.08
C GLY D 11 -4.12 -6.75 -24.14
N ALA D 12 -4.52 -6.55 -25.40
CA ALA D 12 -3.53 -6.44 -26.48
C ALA D 12 -2.65 -5.21 -26.37
N THR D 13 -3.06 -4.18 -25.63
CA THR D 13 -2.27 -2.95 -25.55
C THR D 13 -1.27 -2.97 -24.39
N GLY D 14 -1.22 -4.05 -23.62
CA GLY D 14 -0.30 -4.16 -22.52
C GLY D 14 1.07 -4.57 -23.02
N GLN D 15 2.02 -4.68 -22.08
CA GLN D 15 3.38 -5.00 -22.51
C GLN D 15 3.46 -6.39 -23.14
N THR D 16 2.80 -7.40 -22.56
CA THR D 16 2.79 -8.71 -23.21
C THR D 16 1.83 -8.74 -24.40
N GLY D 17 0.68 -8.07 -24.27
CA GLY D 17 -0.29 -8.11 -25.35
C GLY D 17 0.25 -7.54 -26.66
N LEU D 18 1.05 -6.47 -26.58
CA LEU D 18 1.52 -5.84 -27.80
C LEU D 18 2.38 -6.79 -28.61
N THR D 19 3.30 -7.50 -27.95
CA THR D 19 4.16 -8.42 -28.67
C THR D 19 3.42 -9.70 -29.04
N THR D 20 2.47 -10.16 -28.22
CA THR D 20 1.63 -11.29 -28.64
C THR D 20 0.83 -10.91 -29.89
N LEU D 21 0.23 -9.72 -29.90
CA LEU D 21 -0.51 -9.25 -31.07
C LEU D 21 0.38 -9.24 -32.31
N ALA D 22 1.55 -8.61 -32.21
CA ALA D 22 2.45 -8.49 -33.36
C ALA D 22 2.85 -9.87 -33.85
N GLN D 23 3.20 -10.77 -32.92
CA GLN D 23 3.60 -12.12 -33.31
C GLN D 23 2.44 -12.88 -33.95
N ALA D 24 1.24 -12.72 -33.41
CA ALA D 24 0.07 -13.39 -33.97
C ALA D 24 -0.18 -12.92 -35.39
N VAL D 25 -0.16 -11.60 -35.61
CA VAL D 25 -0.39 -11.08 -36.96
C VAL D 25 0.68 -11.59 -37.92
N GLN D 26 1.93 -11.61 -37.48
CA GLN D 26 3.01 -12.05 -38.36
CA GLN D 26 3.01 -12.05 -38.36
C GLN D 26 2.86 -13.53 -38.72
N ALA D 27 2.38 -14.34 -37.78
CA ALA D 27 2.22 -15.77 -38.00
C ALA D 27 1.00 -16.10 -38.85
N GLY D 28 0.07 -15.15 -39.03
CA GLY D 28 -1.07 -15.37 -39.90
C GLY D 28 -2.41 -15.44 -39.19
N TYR D 29 -2.46 -15.27 -37.88
CA TYR D 29 -3.77 -15.31 -37.23
C TYR D 29 -4.59 -14.12 -37.66
N GLU D 30 -5.91 -14.33 -37.76
CA GLU D 30 -6.86 -13.24 -37.96
C GLU D 30 -7.27 -12.78 -36.56
N VAL D 31 -6.75 -11.62 -36.16
CA VAL D 31 -6.83 -11.20 -34.77
C VAL D 31 -7.88 -10.12 -34.61
N THR D 32 -8.73 -10.29 -33.62
CA THR D 32 -9.68 -9.27 -33.15
C THR D 32 -9.22 -8.83 -31.77
N VAL D 33 -9.15 -7.51 -31.54
CA VAL D 33 -8.75 -6.99 -30.23
C VAL D 33 -9.89 -6.14 -29.67
N LEU D 34 -10.02 -6.17 -28.34
CA LEU D 34 -10.89 -5.27 -27.61
C LEU D 34 -9.98 -4.27 -26.91
N VAL D 35 -10.08 -2.99 -27.29
CA VAL D 35 -9.23 -1.95 -26.72
C VAL D 35 -10.12 -0.81 -26.25
N ARG D 36 -9.77 -0.21 -25.12
CA ARG D 36 -10.53 0.94 -24.67
C ARG D 36 -10.22 2.19 -25.47
N ASP D 37 -9.03 2.26 -26.08
CA ASP D 37 -8.55 3.43 -26.80
C ASP D 37 -7.72 2.91 -27.96
N SER D 38 -8.25 3.04 -29.19
CA SER D 38 -7.54 2.50 -30.35
C SER D 38 -6.21 3.21 -30.60
N SER D 39 -6.02 4.42 -30.07
CA SER D 39 -4.73 5.09 -30.26
C SER D 39 -3.60 4.40 -29.51
N ARG D 40 -3.90 3.48 -28.60
CA ARG D 40 -2.87 2.73 -27.89
C ARG D 40 -2.37 1.54 -28.71
N LEU D 41 -2.96 1.30 -29.89
CA LEU D 41 -2.41 0.33 -30.83
C LEU D 41 -1.36 0.99 -31.71
N PRO D 42 -0.30 0.28 -32.08
CA PRO D 42 0.77 0.91 -32.86
C PRO D 42 0.28 1.34 -34.24
N SER D 43 0.82 2.47 -34.71
CA SER D 43 0.39 3.04 -35.98
C SER D 43 0.95 2.29 -37.17
N GLU D 44 2.12 1.68 -37.04
CA GLU D 44 2.74 0.96 -38.13
C GLU D 44 3.10 -0.45 -37.67
N GLY D 45 3.49 -1.27 -38.64
CA GLY D 45 3.84 -2.65 -38.38
C GLY D 45 2.62 -3.54 -38.43
N PRO D 46 2.73 -4.73 -37.83
CA PRO D 46 1.58 -5.65 -37.81
C PRO D 46 0.39 -5.07 -37.06
N ARG D 47 -0.77 -5.04 -37.74
CA ARG D 47 -2.02 -4.54 -37.20
C ARG D 47 -3.06 -5.63 -37.19
N PRO D 48 -3.93 -5.64 -36.19
CA PRO D 48 -4.96 -6.68 -36.12
C PRO D 48 -5.96 -6.53 -37.25
N ALA D 49 -6.64 -7.65 -37.54
CA ALA D 49 -7.66 -7.64 -38.59
C ALA D 49 -8.90 -6.87 -38.16
N HIS D 50 -9.24 -6.89 -36.87
CA HIS D 50 -10.48 -6.31 -36.39
C HIS D 50 -10.24 -5.63 -35.05
N VAL D 51 -10.80 -4.44 -34.88
CA VAL D 51 -10.68 -3.68 -33.63
C VAL D 51 -12.08 -3.38 -33.12
N VAL D 52 -12.38 -3.84 -31.91
CA VAL D 52 -13.58 -3.45 -31.19
C VAL D 52 -13.15 -2.47 -30.11
N VAL D 53 -13.79 -1.31 -30.07
CA VAL D 53 -13.44 -0.32 -29.07
C VAL D 53 -14.46 -0.45 -27.95
N GLY D 54 -13.97 -0.78 -26.76
CA GLY D 54 -14.86 -1.05 -25.65
C GLY D 54 -14.09 -1.52 -24.44
N ASP D 55 -14.82 -2.10 -23.49
CA ASP D 55 -14.35 -2.37 -22.13
C ASP D 55 -14.67 -3.83 -21.79
N VAL D 56 -13.73 -4.53 -21.16
CA VAL D 56 -14.00 -5.92 -20.81
C VAL D 56 -15.08 -6.02 -19.73
N LEU D 57 -15.40 -4.93 -19.04
CA LEU D 57 -16.47 -4.95 -18.05
C LEU D 57 -17.85 -4.81 -18.66
N GLN D 58 -17.93 -4.62 -19.97
CA GLN D 58 -19.20 -4.43 -20.68
C GLN D 58 -19.48 -5.72 -21.46
N ALA D 59 -20.50 -6.46 -21.04
CA ALA D 59 -20.74 -7.78 -21.63
C ALA D 59 -21.01 -7.70 -23.13
N ALA D 60 -21.63 -6.61 -23.61
CA ALA D 60 -21.89 -6.49 -25.04
C ALA D 60 -20.59 -6.29 -25.83
N ASP D 61 -19.64 -5.54 -25.28
CA ASP D 61 -18.35 -5.36 -25.96
C ASP D 61 -17.60 -6.68 -26.02
N VAL D 62 -17.66 -7.46 -24.95
CA VAL D 62 -16.98 -8.76 -24.91
C VAL D 62 -17.65 -9.74 -25.88
N ASP D 63 -18.98 -9.79 -25.86
CA ASP D 63 -19.69 -10.69 -26.78
C ASP D 63 -19.29 -10.42 -28.23
N LYS D 64 -19.19 -9.15 -28.60
CA LYS D 64 -18.87 -8.79 -29.96
C LYS D 64 -17.42 -9.12 -30.31
N THR D 65 -16.53 -9.10 -29.33
CA THR D 65 -15.13 -9.48 -29.54
C THR D 65 -14.96 -10.98 -29.67
N VAL D 66 -15.74 -11.75 -28.92
CA VAL D 66 -15.63 -13.21 -28.92
C VAL D 66 -16.41 -13.87 -30.07
N ALA D 67 -17.45 -13.23 -30.60
CA ALA D 67 -18.22 -13.79 -31.71
C ALA D 67 -17.30 -14.25 -32.85
N GLY D 68 -17.51 -15.49 -33.29
CA GLY D 68 -16.87 -16.00 -34.48
C GLY D 68 -15.43 -16.41 -34.33
N GLN D 69 -14.90 -16.40 -33.09
CA GLN D 69 -13.51 -16.74 -32.90
C GLN D 69 -13.35 -18.26 -32.75
N ASP D 70 -12.12 -18.72 -32.99
CA ASP D 70 -11.72 -20.10 -32.69
C ASP D 70 -11.11 -20.26 -31.30
N ALA D 71 -10.55 -19.19 -30.72
CA ALA D 71 -9.91 -19.28 -29.41
C ALA D 71 -9.73 -17.87 -28.87
N VAL D 72 -9.46 -17.78 -27.57
CA VAL D 72 -9.33 -16.50 -26.87
C VAL D 72 -8.02 -16.49 -26.09
N ILE D 73 -7.27 -15.39 -26.22
CA ILE D 73 -6.08 -15.14 -25.41
C ILE D 73 -6.41 -14.00 -24.45
N VAL D 74 -6.13 -14.19 -23.16
CA VAL D 74 -6.41 -13.20 -22.13
C VAL D 74 -5.09 -12.73 -21.52
N LEU D 75 -4.81 -11.45 -21.67
CA LEU D 75 -3.62 -10.82 -21.11
C LEU D 75 -4.02 -9.55 -20.41
N LEU D 76 -5.16 -9.61 -19.73
CA LEU D 76 -5.65 -8.51 -18.91
C LEU D 76 -4.75 -8.28 -17.70
N GLY D 77 -4.73 -7.03 -17.26
CA GLY D 77 -3.98 -6.68 -16.08
C GLY D 77 -4.51 -5.39 -15.52
N THR D 78 -4.37 -5.23 -14.21
CA THR D 78 -4.74 -4.03 -13.48
C THR D 78 -3.48 -3.63 -12.73
N ARG D 79 -2.55 -3.00 -13.45
CA ARG D 79 -1.21 -2.83 -12.90
CA ARG D 79 -1.20 -2.78 -12.94
C ARG D 79 -1.19 -1.94 -11.68
N ASN D 80 -2.06 -0.93 -11.60
CA ASN D 80 -1.91 -0.01 -10.48
C ASN D 80 -2.78 -0.34 -9.28
N ASP D 81 -3.68 -1.32 -9.38
CA ASP D 81 -4.59 -1.60 -8.27
C ASP D 81 -3.83 -2.23 -7.10
N LEU D 82 -3.91 -1.57 -5.95
CA LEU D 82 -3.21 -1.96 -4.73
C LEU D 82 -4.14 -2.51 -3.67
N SER D 83 -5.45 -2.49 -3.91
CA SER D 83 -6.50 -2.78 -2.93
C SER D 83 -7.54 -3.60 -3.68
N PRO D 84 -8.47 -4.27 -2.96
CA PRO D 84 -9.39 -5.21 -3.63
C PRO D 84 -9.97 -4.69 -4.94
N THR D 85 -9.88 -5.55 -5.96
CA THR D 85 -10.22 -5.19 -7.34
C THR D 85 -10.79 -6.44 -8.00
N THR D 86 -11.82 -6.26 -8.84
CA THR D 86 -12.44 -7.41 -9.49
C THR D 86 -12.49 -7.25 -11.01
N VAL D 87 -11.68 -6.37 -11.58
CA VAL D 87 -11.74 -6.12 -13.02
C VAL D 87 -11.42 -7.40 -13.81
N MET D 88 -10.34 -8.08 -13.44
CA MET D 88 -9.93 -9.27 -14.20
C MET D 88 -10.95 -10.39 -14.06
N SER D 89 -11.41 -10.66 -12.82
CA SER D 89 -12.35 -11.75 -12.61
C SER D 89 -13.71 -11.46 -13.25
N GLU D 90 -14.18 -10.21 -13.16
CA GLU D 90 -15.43 -9.86 -13.82
C GLU D 90 -15.28 -9.89 -15.34
N GLY D 91 -14.14 -9.42 -15.85
CA GLY D 91 -13.86 -9.59 -17.27
C GLY D 91 -13.89 -11.05 -17.69
N ALA D 92 -13.25 -11.93 -16.91
CA ALA D 92 -13.27 -13.35 -17.22
C ALA D 92 -14.68 -13.92 -17.23
N ARG D 93 -15.54 -13.47 -16.30
CA ARG D 93 -16.92 -13.95 -16.32
C ARG D 93 -17.62 -13.54 -17.62
N ASN D 94 -17.38 -12.30 -18.09
CA ASN D 94 -17.98 -11.88 -19.34
C ASN D 94 -17.42 -12.69 -20.51
N ILE D 95 -16.13 -13.00 -20.46
CA ILE D 95 -15.50 -13.75 -21.53
C ILE D 95 -16.06 -15.17 -21.59
N VAL D 96 -16.22 -15.82 -20.43
CA VAL D 96 -16.75 -17.17 -20.39
C VAL D 96 -18.18 -17.20 -20.93
N ALA D 97 -19.00 -16.25 -20.51
CA ALA D 97 -20.38 -16.21 -20.96
C ALA D 97 -20.44 -16.04 -22.48
N ALA D 98 -19.57 -15.18 -23.03
CA ALA D 98 -19.58 -14.93 -24.47
C ALA D 98 -19.08 -16.15 -25.21
N MET D 99 -18.04 -16.82 -24.68
CA MET D 99 -17.53 -18.01 -25.34
C MET D 99 -18.58 -19.11 -25.40
N LYS D 100 -19.33 -19.30 -24.31
CA LYS D 100 -20.38 -20.30 -24.30
C LYS D 100 -21.51 -19.93 -25.27
N ALA D 101 -21.88 -18.65 -25.31
CA ALA D 101 -22.97 -18.25 -26.20
C ALA D 101 -22.59 -18.39 -27.67
N HIS D 102 -21.30 -18.26 -28.00
CA HIS D 102 -20.84 -18.31 -29.38
C HIS D 102 -20.11 -19.62 -29.71
N GLY D 103 -20.12 -20.58 -28.80
CA GLY D 103 -19.48 -21.87 -29.10
C GLY D 103 -17.99 -21.79 -29.34
N VAL D 104 -17.29 -20.92 -28.60
CA VAL D 104 -15.83 -20.86 -28.59
C VAL D 104 -15.35 -21.66 -27.39
N ASP D 105 -14.45 -22.62 -27.62
CA ASP D 105 -14.16 -23.59 -26.58
C ASP D 105 -12.74 -23.55 -26.04
N LYS D 106 -11.89 -22.60 -26.46
CA LYS D 106 -10.47 -22.62 -26.12
C LYS D 106 -10.04 -21.25 -25.62
N VAL D 107 -9.47 -21.21 -24.41
CA VAL D 107 -9.03 -19.95 -23.83
C VAL D 107 -7.68 -20.17 -23.17
N VAL D 108 -6.75 -19.27 -23.45
CA VAL D 108 -5.39 -19.29 -22.89
C VAL D 108 -5.26 -17.99 -22.13
N ALA D 109 -5.13 -18.06 -20.80
CA ALA D 109 -5.21 -16.88 -19.95
C ALA D 109 -4.03 -16.80 -19.00
N CYS D 110 -3.51 -15.60 -18.86
CA CYS D 110 -2.34 -15.31 -18.04
C CYS D 110 -2.77 -14.84 -16.66
N THR D 111 -2.28 -15.52 -15.61
CA THR D 111 -2.32 -14.97 -14.27
C THR D 111 -0.91 -14.70 -13.79
N SER D 112 -0.40 -15.51 -12.87
CA SER D 112 0.88 -15.22 -12.24
C SER D 112 1.42 -16.47 -11.57
N ALA D 113 2.74 -16.57 -11.53
CA ALA D 113 3.37 -17.68 -10.83
C ALA D 113 3.19 -17.62 -9.31
N PHE D 114 2.67 -16.52 -8.75
CA PHE D 114 2.35 -16.52 -7.32
C PHE D 114 1.32 -17.61 -7.01
N LEU D 115 0.53 -18.02 -7.99
CA LEU D 115 -0.43 -19.09 -7.75
C LEU D 115 0.24 -20.45 -7.59
N LEU D 116 1.54 -20.54 -7.90
CA LEU D 116 2.30 -21.77 -7.69
C LEU D 116 3.28 -21.68 -6.54
N TRP D 117 3.33 -20.55 -5.83
CA TRP D 117 4.21 -20.33 -4.71
C TRP D 117 3.39 -20.31 -3.43
N ASP D 118 4.07 -20.47 -2.29
CA ASP D 118 3.40 -20.26 -1.02
C ASP D 118 2.78 -18.86 -0.98
N PRO D 119 1.60 -18.69 -0.38
CA PRO D 119 1.00 -17.34 -0.31
C PRO D 119 1.85 -16.30 0.42
N THR D 120 2.75 -16.71 1.33
CA THR D 120 3.62 -15.75 1.99
C THR D 120 4.65 -15.12 1.05
N LYS D 121 4.79 -15.63 -0.18
CA LYS D 121 5.69 -14.99 -1.14
C LYS D 121 5.12 -13.70 -1.72
N VAL D 122 3.83 -13.45 -1.57
CA VAL D 122 3.23 -12.29 -2.24
C VAL D 122 3.54 -11.00 -1.49
N PRO D 123 4.14 -10.00 -2.12
CA PRO D 123 4.28 -8.69 -1.47
C PRO D 123 2.92 -8.13 -1.09
N PRO D 124 2.82 -7.48 0.08
CA PRO D 124 1.48 -7.00 0.53
C PRO D 124 0.73 -6.17 -0.50
N ARG D 125 1.40 -5.28 -1.23
CA ARG D 125 0.69 -4.43 -2.18
C ARG D 125 0.33 -5.15 -3.46
N LEU D 126 0.77 -6.41 -3.64
CA LEU D 126 0.30 -7.24 -4.74
C LEU D 126 -0.73 -8.26 -4.30
N GLN D 127 -1.17 -8.25 -3.04
CA GLN D 127 -2.13 -9.25 -2.57
CA GLN D 127 -2.11 -9.28 -2.61
C GLN D 127 -3.46 -9.10 -3.28
N ALA D 128 -3.91 -7.86 -3.48
CA ALA D 128 -5.23 -7.65 -4.08
C ALA D 128 -5.27 -8.15 -5.52
N VAL D 129 -4.24 -7.83 -6.32
CA VAL D 129 -4.22 -8.33 -7.69
C VAL D 129 -4.12 -9.84 -7.69
N THR D 130 -3.33 -10.40 -6.77
CA THR D 130 -3.17 -11.85 -6.73
C THR D 130 -4.49 -12.53 -6.36
N ASP D 131 -5.23 -11.95 -5.41
CA ASP D 131 -6.56 -12.48 -5.07
C ASP D 131 -7.48 -12.50 -6.29
N ASP D 132 -7.42 -11.44 -7.11
CA ASP D 132 -8.28 -11.45 -8.29
C ASP D 132 -7.77 -12.38 -9.38
N HIS D 133 -6.43 -12.53 -9.52
CA HIS D 133 -5.90 -13.59 -10.37
C HIS D 133 -6.48 -14.94 -9.95
N ILE D 134 -6.52 -15.18 -8.64
CA ILE D 134 -7.07 -16.44 -8.14
C ILE D 134 -8.54 -16.55 -8.48
N ARG D 135 -9.30 -15.47 -8.33
CA ARG D 135 -10.71 -15.51 -8.71
C ARG D 135 -10.86 -15.76 -10.21
N MET D 136 -10.03 -15.10 -11.02
CA MET D 136 -10.12 -15.31 -12.47
C MET D 136 -9.80 -16.76 -12.83
N HIS D 137 -8.73 -17.30 -12.24
CA HIS D 137 -8.37 -18.70 -12.46
C HIS D 137 -9.54 -19.63 -12.13
N LYS D 138 -10.26 -19.35 -11.05
CA LYS D 138 -11.37 -20.25 -10.68
C LYS D 138 -12.52 -20.13 -11.65
N VAL D 139 -12.88 -18.91 -12.05
CA VAL D 139 -13.90 -18.71 -13.07
C VAL D 139 -13.58 -19.52 -14.33
N LEU D 140 -12.32 -19.48 -14.77
CA LEU D 140 -11.96 -20.19 -16.00
C LEU D 140 -11.92 -21.71 -15.79
N ARG D 141 -11.44 -22.17 -14.63
CA ARG D 141 -11.36 -23.61 -14.40
C ARG D 141 -12.75 -24.22 -14.25
N GLU D 142 -13.67 -23.49 -13.62
CA GLU D 142 -15.03 -23.99 -13.44
C GLU D 142 -15.89 -23.83 -14.70
N SER D 143 -15.38 -23.18 -15.74
CA SER D 143 -16.19 -22.91 -16.92
C SER D 143 -16.50 -24.18 -17.73
N GLY D 144 -15.66 -25.21 -17.61
CA GLY D 144 -15.74 -26.35 -18.49
C GLY D 144 -15.08 -26.17 -19.83
N LEU D 145 -14.62 -24.96 -20.16
CA LEU D 145 -13.93 -24.70 -21.42
C LEU D 145 -12.54 -25.32 -21.39
N LYS D 146 -11.97 -25.49 -22.59
CA LYS D 146 -10.59 -25.92 -22.69
C LYS D 146 -9.70 -24.75 -22.26
N TYR D 147 -9.06 -24.87 -21.11
CA TYR D 147 -8.42 -23.73 -20.47
C TYR D 147 -6.96 -24.05 -20.20
N VAL D 148 -6.06 -23.25 -20.77
CA VAL D 148 -4.65 -23.30 -20.44
C VAL D 148 -4.35 -22.13 -19.51
N ALA D 149 -3.95 -22.45 -18.29
CA ALA D 149 -3.57 -21.44 -17.31
C ALA D 149 -2.08 -21.16 -17.44
N VAL D 150 -1.73 -19.94 -17.81
CA VAL D 150 -0.33 -19.55 -17.95
C VAL D 150 0.02 -18.68 -16.76
N MET D 151 1.03 -19.12 -16.00
CA MET D 151 1.38 -18.53 -14.70
C MET D 151 2.84 -18.13 -14.73
N PRO D 152 3.16 -16.98 -15.31
CA PRO D 152 4.56 -16.62 -15.54
C PRO D 152 5.23 -16.06 -14.31
N PRO D 153 6.56 -16.22 -14.21
CA PRO D 153 7.35 -15.47 -13.23
C PRO D 153 7.52 -14.04 -13.71
N HIS D 154 8.55 -13.33 -13.23
CA HIS D 154 8.82 -11.97 -13.69
C HIS D 154 8.88 -11.90 -15.21
N ILE D 155 8.21 -10.89 -15.77
CA ILE D 155 8.16 -10.68 -17.22
C ILE D 155 9.22 -9.64 -17.59
N GLY D 156 10.23 -10.06 -18.38
CA GLY D 156 11.32 -9.20 -18.76
C GLY D 156 11.19 -8.69 -20.18
N ASP D 157 12.23 -8.01 -20.65
CA ASP D 157 12.23 -7.42 -21.99
C ASP D 157 13.29 -8.02 -22.91
N GLN D 158 13.79 -9.21 -22.58
CA GLN D 158 14.83 -9.84 -23.39
C GLN D 158 14.25 -10.21 -24.77
N PRO D 159 15.11 -10.31 -25.79
CA PRO D 159 14.59 -10.63 -27.14
C PRO D 159 13.99 -12.03 -27.18
N LEU D 160 13.06 -12.20 -28.13
CA LEU D 160 12.44 -13.49 -28.40
C LEU D 160 13.49 -14.57 -28.66
N THR D 161 13.31 -15.73 -28.04
CA THR D 161 14.17 -16.89 -28.30
C THR D 161 13.41 -18.12 -28.77
N GLY D 162 12.15 -18.29 -28.36
CA GLY D 162 11.46 -19.54 -28.64
C GLY D 162 12.09 -20.77 -28.01
N ALA D 163 13.00 -20.58 -27.06
CA ALA D 163 13.79 -21.68 -26.49
C ALA D 163 13.54 -21.88 -25.01
N TYR D 164 12.51 -21.25 -24.45
CA TYR D 164 12.16 -21.35 -23.03
C TYR D 164 11.69 -22.76 -22.69
N THR D 165 11.73 -23.07 -21.41
CA THR D 165 11.15 -24.30 -20.87
C THR D 165 9.73 -24.05 -20.40
N VAL D 166 8.90 -25.09 -20.42
CA VAL D 166 7.55 -25.01 -19.91
C VAL D 166 7.37 -26.13 -18.90
N THR D 167 7.11 -25.75 -17.65
CA THR D 167 6.90 -26.70 -16.56
C THR D 167 5.41 -26.86 -16.32
N LEU D 168 4.97 -28.12 -16.22
CA LEU D 168 3.57 -28.46 -16.09
C LEU D 168 3.22 -28.65 -14.62
N ASP D 169 2.19 -27.93 -14.16
CA ASP D 169 1.61 -28.14 -12.84
C ASP D 169 2.67 -28.02 -11.75
N GLY D 170 3.49 -26.98 -11.87
CA GLY D 170 4.55 -26.74 -10.93
C GLY D 170 5.46 -25.66 -11.45
N ARG D 171 6.44 -25.32 -10.64
CA ARG D 171 7.40 -24.27 -10.97
C ARG D 171 8.71 -24.88 -11.44
N GLY D 172 9.31 -24.26 -12.44
CA GLY D 172 10.60 -24.66 -12.95
C GLY D 172 11.73 -23.92 -12.27
N PRO D 173 12.97 -24.17 -12.70
CA PRO D 173 14.13 -23.63 -11.98
C PRO D 173 14.40 -22.17 -12.31
N SER D 174 14.13 -21.76 -13.55
CA SER D 174 14.35 -20.38 -13.95
C SER D 174 13.22 -19.49 -13.46
N ARG D 175 13.52 -18.20 -13.29
CA ARG D 175 12.58 -17.27 -12.64
C ARG D 175 12.33 -16.01 -13.48
N VAL D 176 12.52 -16.06 -14.79
CA VAL D 176 12.12 -14.95 -15.65
C VAL D 176 11.64 -15.52 -16.98
N ILE D 177 10.73 -14.79 -17.63
CA ILE D 177 10.31 -15.07 -18.99
C ILE D 177 10.24 -13.75 -19.72
N SER D 178 10.85 -13.67 -20.89
CA SER D 178 10.73 -12.47 -21.70
C SER D 178 9.28 -12.27 -22.14
N LYS D 179 8.82 -11.01 -22.17
CA LYS D 179 7.47 -10.77 -22.68
C LYS D 179 7.28 -11.34 -24.08
N HIS D 180 8.35 -11.33 -24.89
CA HIS D 180 8.23 -11.89 -26.25
C HIS D 180 8.11 -13.40 -26.22
N ASP D 181 8.89 -14.07 -25.35
CA ASP D 181 8.75 -15.51 -25.19
C ASP D 181 7.40 -15.87 -24.59
N LEU D 182 6.91 -15.04 -23.67
CA LEU D 182 5.59 -15.29 -23.08
C LEU D 182 4.50 -15.23 -24.15
N GLY D 183 4.55 -14.22 -25.01
CA GLY D 183 3.59 -14.15 -26.11
C GLY D 183 3.73 -15.33 -27.06
N HIS D 184 4.98 -15.68 -27.39
CA HIS D 184 5.24 -16.87 -28.21
C HIS D 184 4.61 -18.11 -27.61
N PHE D 185 4.69 -18.26 -26.28
CA PHE D 185 4.08 -19.42 -25.64
C PHE D 185 2.56 -19.35 -25.68
N MET D 186 1.97 -18.17 -25.43
CA MET D 186 0.51 -18.05 -25.55
C MET D 186 0.03 -18.54 -26.90
N LEU D 187 0.75 -18.17 -27.96
CA LEU D 187 0.35 -18.60 -29.30
C LEU D 187 0.58 -20.10 -29.49
N ARG D 188 1.69 -20.63 -28.97
CA ARG D 188 1.93 -22.07 -29.04
C ARG D 188 0.78 -22.86 -28.43
N CYS D 189 0.20 -22.35 -27.33
CA CYS D 189 -0.92 -23.07 -26.71
C CYS D 189 -2.13 -23.21 -27.62
N LEU D 190 -2.20 -22.41 -28.69
CA LEU D 190 -3.29 -22.54 -29.65
C LEU D 190 -3.10 -23.71 -30.60
N THR D 191 -1.88 -24.25 -30.70
CA THR D 191 -1.54 -25.26 -31.70
C THR D 191 -1.57 -26.68 -31.16
N THR D 192 -1.92 -26.86 -29.89
CA THR D 192 -1.86 -28.17 -29.24
C THR D 192 -2.88 -28.21 -28.12
N ASP D 193 -3.27 -29.44 -27.76
CA ASP D 193 -4.17 -29.76 -26.66
CA ASP D 193 -4.15 -29.66 -26.62
C ASP D 193 -3.42 -30.15 -25.38
N GLU D 194 -2.09 -30.33 -25.47
CA GLU D 194 -1.37 -30.98 -24.38
C GLU D 194 -1.37 -30.18 -23.09
N TYR D 195 -1.60 -28.86 -23.14
CA TYR D 195 -1.64 -28.04 -21.94
C TYR D 195 -3.05 -27.83 -21.40
N ASP D 196 -4.07 -28.26 -22.14
CA ASP D 196 -5.45 -28.08 -21.69
C ASP D 196 -5.66 -28.68 -20.31
N GLY D 197 -6.23 -27.89 -19.41
CA GLY D 197 -6.50 -28.37 -18.06
C GLY D 197 -5.31 -28.35 -17.13
N HIS D 198 -4.18 -27.81 -17.56
CA HIS D 198 -2.98 -27.76 -16.75
C HIS D 198 -2.64 -26.32 -16.40
N SER D 199 -1.82 -26.17 -15.35
CA SER D 199 -1.08 -24.94 -15.12
C SER D 199 0.24 -25.02 -15.87
N THR D 200 0.69 -23.89 -16.42
CA THR D 200 1.93 -23.86 -17.19
C THR D 200 2.81 -22.72 -16.68
N TYR D 201 4.11 -23.01 -16.57
CA TYR D 201 5.09 -22.07 -16.05
C TYR D 201 6.19 -21.91 -17.10
N PRO D 202 6.10 -20.89 -17.95
CA PRO D 202 7.19 -20.65 -18.92
C PRO D 202 8.33 -19.89 -18.25
N SER D 203 9.56 -20.36 -18.47
CA SER D 203 10.72 -19.68 -17.92
C SER D 203 11.95 -20.02 -18.74
N HIS D 204 12.95 -19.16 -18.62
CA HIS D 204 14.15 -19.33 -19.42
C HIS D 204 15.32 -18.64 -18.74
N GLN D 205 16.53 -19.01 -19.15
CA GLN D 205 17.75 -18.33 -18.75
CA GLN D 205 17.75 -18.33 -18.75
C GLN D 205 18.28 -17.56 -19.95
N TYR D 206 18.34 -16.24 -19.83
CA TYR D 206 18.73 -15.38 -20.94
C TYR D 206 20.22 -15.06 -20.87
N GLN D 207 20.91 -15.30 -21.99
CA GLN D 207 22.36 -15.26 -22.04
C GLN D 207 22.88 -13.87 -22.38
#